data_6ESJ
#
_entry.id   6ESJ
#
_cell.length_a   75.040
_cell.length_b   79.220
_cell.length_c   228.350
_cell.angle_alpha   90.000
_cell.angle_beta   90.000
_cell.angle_gamma   90.000
#
_symmetry.space_group_name_H-M   'P 21 21 21'
#
loop_
_entity.id
_entity.type
_entity.pdbx_description
1 polymer Cholinesterase
2 branched 2-acetamido-2-deoxy-beta-D-glucopyranose-(1-4)-2-acetamido-2-deoxy-beta-D-glucopyranose
3 non-polymer 2-acetamido-2-deoxy-beta-D-glucopyranose
4 non-polymer 3,8-DIAMINO-5[3-(DIETHYLMETHYLAMMONIO)PROPYL]-6-PHENYLPHENANTHRIDINIUM
5 non-polymer 'CHLORIDE ION'
6 non-polymer GLYCINE
7 water water
#
_entity_poly.entity_id   1
_entity_poly.type   'polypeptide(L)'
_entity_poly.pdbx_seq_one_letter_code
;EDDIIIATKNGKVRGMNLTVFGGTVTAFLGIPYAQPPLGRLRFKKPQSLTKWSDIWNATKYANSCCQNIDQSFPGFHGSE
MWNPNTDLSEDCLYLNVWIPAPKPKNATVLIWIYGGGFQTGTSSLHVYDGKFLARVERVIVVSMNYRVGALGFLALPGNP
EAPGNMGLFDQQLALQWVQKNIAAFGGNPKSVTLFGESAGAASVSLHLLSPGSHSLFTRAILQSGSFNAPWAVTSLYEAR
NRTLNLAKLTGCSRENETEIIKCLRNKDPQEILLNEAFVVPYGTPLSVNFGPTVDGDFLTDMPDILLELGQFKKTQILVG
VNKDEGTAFLVYGAPGFSKDNNSIITRKEFQEGLKIFFPGVSEFGKESILFHYTDWVDDQRPENYREALGDVVGDYNFIC
PALEFTKKFSEWGNNAFFYYFEHRSSKLPWPEWMGVMHGYEIEFVFGLPLERRDNYTKAEEILSRSIVKRWANFAKYGNP
NETQNNSTSWPVFKSTEQKYLTLNTESTRIMTKLRAQQCRFWTSFFPKV
;
_entity_poly.pdbx_strand_id   A,B
#
loop_
_chem_comp.id
_chem_comp.type
_chem_comp.name
_chem_comp.formula
CL non-polymer 'CHLORIDE ION' 'Cl -1'
NAG D-saccharide, beta linking 2-acetamido-2-deoxy-beta-D-glucopyranose 'C8 H15 N O6'
PRM non-polymer 3,8-DIAMINO-5[3-(DIETHYLMETHYLAMMONIO)PROPYL]-6-PHENYLPHENANTHRIDINIUM 'C27 H34 N4 2'
#
# COMPACT_ATOMS: atom_id res chain seq x y z
N ASP A 3 35.58 23.29 -1.74
CA ASP A 3 35.80 22.31 -0.68
C ASP A 3 34.46 21.87 -0.10
N ILE A 4 34.49 20.86 0.76
CA ILE A 4 33.27 20.23 1.27
C ILE A 4 33.01 20.79 2.67
N ILE A 5 32.14 21.79 2.75
CA ILE A 5 31.75 22.37 4.04
C ILE A 5 30.30 22.82 3.95
N ILE A 6 29.58 22.62 5.04
CA ILE A 6 28.17 22.99 5.17
C ILE A 6 28.01 23.89 6.38
N ALA A 7 27.33 25.02 6.21
CA ALA A 7 27.15 26.00 7.29
C ALA A 7 25.90 25.64 8.08
N THR A 8 26.10 25.04 9.25
CA THR A 8 25.00 24.72 10.13
C THR A 8 24.35 26.03 10.62
N LYS A 9 23.16 25.92 11.24
CA LYS A 9 22.61 27.08 11.97
C LYS A 9 23.33 27.32 13.31
N ASN A 10 24.47 26.63 13.37
CA ASN A 10 25.21 26.36 14.59
C ASN A 10 26.71 26.52 14.43
N GLY A 11 27.21 26.60 13.21
CA GLY A 11 28.63 26.58 12.97
C GLY A 11 28.93 25.95 11.62
N LYS A 12 30.21 25.64 11.42
CA LYS A 12 30.70 25.04 10.18
C LYS A 12 31.24 23.65 10.49
N VAL A 13 30.84 22.67 9.67
CA VAL A 13 31.37 21.31 9.77
C VAL A 13 31.61 20.77 8.37
N ARG A 14 32.64 19.92 8.27
CA ARG A 14 33.01 19.28 7.01
C ARG A 14 33.05 17.77 7.22
N GLY A 15 32.89 17.02 6.13
CA GLY A 15 32.88 15.57 6.18
C GLY A 15 33.98 14.94 5.36
N MET A 16 33.65 13.93 4.54
CA MET A 16 34.61 13.32 3.63
C MET A 16 33.93 12.99 2.32
N ASN A 17 34.71 12.43 1.40
CA ASN A 17 34.20 11.72 0.25
C ASN A 17 34.33 10.23 0.51
N LEU A 18 33.21 9.51 0.43
CA LEU A 18 33.20 8.06 0.53
C LEU A 18 32.75 7.54 -0.84
N THR A 19 33.71 7.02 -1.62
CA THR A 19 33.39 6.49 -2.93
C THR A 19 32.81 5.10 -2.76
N VAL A 20 31.54 4.94 -3.13
CA VAL A 20 30.77 3.74 -2.84
C VAL A 20 30.22 3.18 -4.15
N PHE A 21 30.21 1.84 -4.25
CA PHE A 21 29.63 1.12 -5.38
C PHE A 21 30.08 1.67 -6.74
N GLY A 22 31.20 2.38 -6.78
CA GLY A 22 31.58 3.12 -7.97
C GLY A 22 30.99 4.51 -8.07
N GLY A 23 30.45 5.05 -6.98
CA GLY A 23 29.91 6.40 -6.95
C GLY A 23 30.52 7.19 -5.80
N THR A 24 29.69 7.99 -5.15
CA THR A 24 30.15 8.84 -4.06
C THR A 24 28.97 9.18 -3.16
N VAL A 25 29.28 9.36 -1.87
CA VAL A 25 28.33 9.89 -0.89
C VAL A 25 29.04 10.92 -0.04
N THR A 26 28.26 11.75 0.63
CA THR A 26 28.78 12.81 1.47
C THR A 26 28.48 12.43 2.92
N ALA A 27 29.54 12.16 3.69
CA ALA A 27 29.42 11.63 5.04
C ALA A 27 29.98 12.64 6.04
N PHE A 28 29.09 13.42 6.66
CA PHE A 28 29.46 14.25 7.81
C PHE A 28 29.18 13.43 9.06
N LEU A 29 30.25 12.95 9.68
CA LEU A 29 30.17 11.88 10.67
C LEU A 29 30.76 12.39 11.99
N GLY A 30 29.91 12.59 12.98
CA GLY A 30 30.36 13.05 14.28
C GLY A 30 30.18 14.55 14.51
N ILE A 31 28.98 15.05 14.23
CA ILE A 31 28.64 16.45 14.51
C ILE A 31 27.95 16.52 15.86
N PRO A 32 28.42 17.35 16.79
CA PRO A 32 27.75 17.46 18.09
C PRO A 32 26.42 18.18 17.95
N TYR A 33 25.41 17.69 18.68
CA TYR A 33 24.12 18.33 18.77
C TYR A 33 23.79 18.80 20.18
N ALA A 34 24.71 18.63 21.13
CA ALA A 34 24.53 19.09 22.50
C ALA A 34 25.90 19.30 23.11
N GLN A 35 25.91 19.81 24.33
CA GLN A 35 27.14 20.05 25.06
C GLN A 35 27.65 18.76 25.68
N PRO A 36 28.95 18.67 25.95
CA PRO A 36 29.47 17.53 26.71
C PRO A 36 28.78 17.43 28.05
N PRO A 37 27.96 16.41 28.27
CA PRO A 37 27.19 16.32 29.51
C PRO A 37 28.02 15.81 30.68
N LEU A 38 29.02 16.61 31.06
CA LEU A 38 29.79 16.39 32.28
C LEU A 38 29.83 17.71 33.04
N GLY A 39 30.43 17.68 34.24
CA GLY A 39 30.58 18.89 35.01
C GLY A 39 29.36 19.23 35.84
N ARG A 40 28.51 20.14 35.35
CA ARG A 40 27.36 20.60 36.11
C ARG A 40 26.01 20.17 35.51
N LEU A 41 26.01 19.31 34.49
CA LEU A 41 24.79 19.08 33.70
C LEU A 41 24.48 17.61 33.41
N ARG A 42 25.13 16.65 34.07
CA ARG A 42 24.88 15.25 33.75
C ARG A 42 23.89 14.63 34.74
N PHE A 43 23.30 13.51 34.31
CA PHE A 43 22.06 12.93 34.86
C PHE A 43 20.84 13.81 34.60
N LYS A 44 20.93 14.72 33.65
CA LYS A 44 19.85 15.65 33.34
C LYS A 44 19.65 15.75 31.84
N LYS A 45 18.52 16.34 31.46
CA LYS A 45 18.19 16.50 30.05
C LYS A 45 19.24 17.38 29.36
N PRO A 46 19.48 17.15 28.08
CA PRO A 46 20.45 17.98 27.35
C PRO A 46 19.86 19.32 26.97
N GLN A 47 20.74 20.29 26.77
CA GLN A 47 20.37 21.63 26.35
C GLN A 47 20.93 21.93 24.98
N SER A 48 20.35 22.94 24.33
CA SER A 48 20.74 23.26 22.96
C SER A 48 22.12 23.90 22.94
N LEU A 49 22.92 23.49 21.97
CA LEU A 49 24.32 23.90 21.93
C LEU A 49 24.47 25.30 21.35
N THR A 50 25.42 26.05 21.91
CA THR A 50 25.46 27.49 21.69
C THR A 50 26.09 27.84 20.34
N LYS A 51 27.40 27.65 20.20
CA LYS A 51 28.09 27.92 18.94
C LYS A 51 29.57 27.60 19.09
N TRP A 52 30.20 27.33 17.94
CA TRP A 52 31.64 27.18 17.84
C TRP A 52 32.15 28.10 16.73
N SER A 53 33.34 28.64 16.92
CA SER A 53 33.94 29.55 15.95
C SER A 53 34.97 28.87 15.06
N ASP A 54 35.76 27.94 15.59
CA ASP A 54 36.64 27.13 14.76
C ASP A 54 35.82 26.09 14.02
N ILE A 55 36.16 25.87 12.74
CA ILE A 55 35.39 24.94 11.94
C ILE A 55 35.59 23.53 12.49
N TRP A 56 34.49 22.84 12.74
CA TRP A 56 34.54 21.55 13.43
C TRP A 56 34.83 20.43 12.43
N ASN A 57 35.86 19.65 12.72
CA ASN A 57 36.26 18.52 11.87
C ASN A 57 35.39 17.32 12.25
N ALA A 58 34.20 17.26 11.66
CA ALA A 58 33.26 16.16 11.92
C ALA A 58 33.55 14.99 10.99
N THR A 59 34.77 14.45 11.09
CA THR A 59 35.25 13.46 10.12
C THR A 59 35.96 12.30 10.81
N LYS A 60 35.42 11.81 11.93
CA LYS A 60 35.78 10.51 12.50
C LYS A 60 34.85 10.19 13.65
N TYR A 61 34.61 8.89 13.85
CA TYR A 61 33.57 8.41 14.75
C TYR A 61 33.77 8.95 16.15
N ALA A 62 32.81 9.75 16.62
CA ALA A 62 32.94 10.42 17.90
C ALA A 62 32.75 9.43 19.05
N ASN A 63 32.76 9.96 20.26
CA ASN A 63 32.78 9.14 21.47
C ASN A 63 31.58 8.21 21.54
N SER A 64 31.84 6.92 21.58
CA SER A 64 30.83 5.97 22.03
C SER A 64 30.54 6.24 23.50
N CYS A 65 29.27 6.25 23.86
CA CYS A 65 28.92 6.55 25.25
C CYS A 65 29.22 5.35 26.12
N CYS A 66 29.57 5.62 27.38
CA CYS A 66 30.09 4.59 28.26
C CYS A 66 29.14 3.41 28.37
N GLN A 67 29.71 2.21 28.44
CA GLN A 67 28.95 0.98 28.52
C GLN A 67 29.66 0.01 29.43
N ASN A 68 28.93 -1.00 29.90
CA ASN A 68 29.52 -2.19 30.49
C ASN A 68 29.77 -3.17 29.34
N ILE A 69 31.03 -3.28 28.94
CA ILE A 69 31.39 -3.96 27.70
C ILE A 69 31.24 -5.46 27.88
N ASP A 70 30.53 -6.10 26.94
CA ASP A 70 30.27 -7.53 27.01
C ASP A 70 31.50 -8.29 26.52
N GLN A 71 32.11 -9.07 27.42
CA GLN A 71 33.28 -9.89 27.10
C GLN A 71 33.12 -11.30 27.64
N SER A 72 31.87 -11.79 27.72
CA SER A 72 31.64 -13.15 28.22
C SER A 72 32.31 -14.19 27.33
N PHE A 73 32.49 -13.88 26.05
CA PHE A 73 33.23 -14.74 25.13
C PHE A 73 34.21 -13.86 24.36
N PRO A 74 35.40 -13.61 24.93
CA PRO A 74 36.36 -12.74 24.25
C PRO A 74 36.85 -13.34 22.94
N GLY A 75 37.13 -12.47 21.98
CA GLY A 75 37.63 -12.88 20.69
C GLY A 75 36.58 -13.28 19.68
N PHE A 76 35.39 -13.69 20.12
CA PHE A 76 34.35 -14.11 19.20
C PHE A 76 33.76 -12.90 18.48
N HIS A 77 33.43 -13.09 17.21
CA HIS A 77 32.91 -11.98 16.40
C HIS A 77 31.51 -11.57 16.87
N GLY A 78 30.56 -12.50 16.84
CA GLY A 78 29.17 -12.16 17.08
C GLY A 78 28.91 -11.49 18.42
N SER A 79 29.75 -11.78 19.42
CA SER A 79 29.62 -11.09 20.71
C SER A 79 30.34 -9.75 20.71
N GLU A 80 31.54 -9.68 20.12
CA GLU A 80 32.25 -8.42 19.99
C GLU A 80 31.80 -7.61 18.79
N MET A 81 30.81 -8.10 18.03
CA MET A 81 30.30 -7.34 16.90
C MET A 81 29.47 -6.15 17.37
N TRP A 82 28.59 -6.36 18.35
CA TRP A 82 27.76 -5.30 18.90
C TRP A 82 28.49 -4.40 19.87
N ASN A 83 29.76 -4.64 20.09
CA ASN A 83 30.50 -3.88 21.08
C ASN A 83 30.97 -2.55 20.49
N PRO A 84 30.96 -1.47 21.28
CA PRO A 84 31.26 -0.15 20.73
C PRO A 84 32.65 -0.08 20.09
N ASN A 85 32.70 0.53 18.92
CA ASN A 85 33.93 0.66 18.13
C ASN A 85 34.78 1.86 18.56
N THR A 86 34.37 2.59 19.59
CA THR A 86 35.06 3.81 19.98
C THR A 86 35.22 3.82 21.50
N ASP A 87 36.30 4.47 21.94
CA ASP A 87 36.55 4.63 23.38
C ASP A 87 35.36 5.28 24.06
N LEU A 88 35.18 4.94 25.34
CA LEU A 88 34.00 5.29 26.09
C LEU A 88 34.24 6.52 26.97
N SER A 89 33.24 7.38 27.08
CA SER A 89 33.24 8.54 27.96
C SER A 89 31.82 9.10 28.01
N GLU A 90 31.66 10.26 28.65
CA GLU A 90 30.35 10.86 28.82
C GLU A 90 30.03 11.91 27.77
N ASP A 91 31.01 12.65 27.28
CA ASP A 91 30.77 13.50 26.12
C ASP A 91 30.50 12.55 24.96
N CYS A 92 29.23 12.24 24.72
CA CYS A 92 28.87 11.22 23.75
C CYS A 92 27.68 11.63 22.89
N LEU A 93 27.30 12.91 22.89
CA LEU A 93 26.08 13.36 22.24
C LEU A 93 26.40 13.97 20.89
N TYR A 94 26.79 13.10 19.96
CA TYR A 94 27.09 13.47 18.58
C TYR A 94 26.05 12.84 17.65
N LEU A 95 26.19 13.12 16.37
CA LEU A 95 25.34 12.48 15.38
C LEU A 95 26.08 12.34 14.06
N ASN A 96 25.81 11.22 13.37
CA ASN A 96 26.32 10.95 12.04
C ASN A 96 25.22 11.23 11.04
N VAL A 97 25.61 11.65 9.84
CA VAL A 97 24.61 11.78 8.78
C VAL A 97 25.26 11.67 7.40
N TRP A 98 24.79 10.71 6.61
CA TRP A 98 25.30 10.45 5.26
C TRP A 98 24.36 11.05 4.23
N ILE A 99 24.90 11.80 3.29
CA ILE A 99 24.14 12.48 2.26
C ILE A 99 24.52 11.89 0.91
N PRO A 100 23.56 11.57 0.05
CA PRO A 100 23.90 11.12 -1.30
C PRO A 100 24.53 12.24 -2.11
N ALA A 101 25.58 11.90 -2.84
CA ALA A 101 26.21 12.89 -3.71
C ALA A 101 25.86 12.61 -5.16
N PRO A 102 25.51 13.63 -5.96
CA PRO A 102 25.49 15.06 -5.59
C PRO A 102 24.38 15.41 -4.60
N LYS A 103 24.54 16.53 -3.91
CA LYS A 103 23.64 16.93 -2.84
C LYS A 103 22.20 17.01 -3.33
N PRO A 104 21.27 16.25 -2.74
CA PRO A 104 19.90 16.17 -3.28
C PRO A 104 19.08 17.41 -3.05
N LYS A 105 17.81 17.36 -3.46
CA LYS A 105 16.90 18.50 -3.35
C LYS A 105 16.07 18.43 -2.07
N ASN A 106 15.22 17.41 -1.95
CA ASN A 106 14.43 17.18 -0.74
C ASN A 106 14.38 15.69 -0.42
N ALA A 107 15.57 15.06 -0.39
CA ALA A 107 15.66 13.63 -0.10
C ALA A 107 15.03 13.30 1.25
N THR A 108 14.30 12.19 1.28
CA THR A 108 13.67 11.73 2.51
C THR A 108 14.73 11.34 3.53
N VAL A 109 14.52 11.77 4.78
CA VAL A 109 15.50 11.60 5.85
C VAL A 109 15.10 10.41 6.71
N LEU A 110 16.08 9.57 7.03
CA LEU A 110 15.88 8.45 7.94
C LEU A 110 16.89 8.53 9.08
N ILE A 111 16.41 8.38 10.30
CA ILE A 111 17.22 8.53 11.50
C ILE A 111 17.18 7.21 12.26
N TRP A 112 18.32 6.54 12.35
CA TRP A 112 18.40 5.24 13.00
C TRP A 112 18.66 5.42 14.49
N ILE A 113 17.87 4.72 15.31
CA ILE A 113 18.06 4.68 16.75
C ILE A 113 18.62 3.31 17.08
N TYR A 114 19.86 3.26 17.57
CA TYR A 114 20.45 1.97 17.91
C TYR A 114 19.79 1.39 19.15
N GLY A 115 19.90 0.07 19.28
CA GLY A 115 19.37 -0.65 20.41
C GLY A 115 20.42 -1.01 21.43
N GLY A 116 20.13 -2.04 22.21
CA GLY A 116 21.06 -2.49 23.22
C GLY A 116 20.46 -2.62 24.61
N GLY A 117 19.13 -2.69 24.68
CA GLY A 117 18.46 -2.84 25.96
C GLY A 117 18.62 -1.67 26.90
N PHE A 118 18.71 -0.45 26.36
CA PHE A 118 18.83 0.78 27.15
C PHE A 118 20.02 0.76 28.09
N GLN A 119 20.99 -0.12 27.83
CA GLN A 119 22.25 -0.14 28.57
C GLN A 119 23.48 -0.22 27.67
N THR A 120 23.36 -0.77 26.47
CA THR A 120 24.47 -0.94 25.53
C THR A 120 24.16 -0.21 24.23
N GLY A 121 25.01 -0.42 23.23
CA GLY A 121 24.75 0.09 21.89
C GLY A 121 25.36 1.44 21.56
N THR A 122 25.82 1.62 20.33
CA THR A 122 26.40 2.88 19.90
C THR A 122 26.32 2.99 18.38
N SER A 123 26.01 4.21 17.92
CA SER A 123 25.97 4.55 16.49
C SER A 123 27.24 4.20 15.73
N SER A 124 28.38 4.06 16.40
CA SER A 124 29.67 3.89 15.73
C SER A 124 29.88 2.50 15.15
N LEU A 125 28.91 1.59 15.30
CA LEU A 125 29.10 0.22 14.87
C LEU A 125 29.08 0.12 13.34
N HIS A 126 29.70 -0.95 12.83
CA HIS A 126 29.86 -1.09 11.39
C HIS A 126 28.53 -1.38 10.69
N VAL A 127 27.57 -1.99 11.39
CA VAL A 127 26.31 -2.36 10.76
C VAL A 127 25.24 -1.29 10.90
N TYR A 128 25.42 -0.30 11.77
CA TYR A 128 24.50 0.82 11.90
C TYR A 128 24.81 1.94 10.91
N ASP A 129 25.47 1.62 9.80
CA ASP A 129 26.04 2.63 8.92
C ASP A 129 25.22 2.73 7.65
N GLY A 130 25.11 3.97 7.14
CA GLY A 130 24.32 4.22 5.95
C GLY A 130 25.08 4.77 4.75
N LYS A 131 26.32 4.35 4.54
CA LYS A 131 26.98 4.68 3.28
C LYS A 131 26.30 3.99 2.11
N PHE A 132 25.61 2.87 2.36
CA PHE A 132 24.87 2.18 1.32
C PHE A 132 23.50 2.84 1.11
N LEU A 133 22.68 2.88 2.16
CA LEU A 133 21.33 3.44 2.06
C LEU A 133 21.35 4.83 1.43
N ALA A 134 22.40 5.60 1.67
CA ALA A 134 22.48 6.94 1.10
C ALA A 134 22.57 6.90 -0.42
N ARG A 135 23.29 5.91 -0.98
CA ARG A 135 23.50 5.88 -2.42
C ARG A 135 22.47 5.05 -3.18
N VAL A 136 22.10 3.88 -2.66
CA VAL A 136 21.27 2.97 -3.45
C VAL A 136 19.89 3.57 -3.70
N GLU A 137 19.34 4.29 -2.72
CA GLU A 137 18.01 4.87 -2.86
C GLU A 137 18.00 6.39 -2.85
N ARG A 138 19.17 7.02 -2.72
CA ARG A 138 19.31 8.48 -2.78
C ARG A 138 18.47 9.16 -1.68
N VAL A 139 18.76 8.78 -0.44
CA VAL A 139 18.11 9.36 0.73
C VAL A 139 19.17 9.71 1.76
N ILE A 140 18.76 10.51 2.75
CA ILE A 140 19.66 10.98 3.80
C ILE A 140 19.43 10.13 5.05
N VAL A 141 20.53 9.62 5.62
CA VAL A 141 20.49 8.75 6.79
C VAL A 141 21.20 9.46 7.93
N VAL A 142 20.48 9.66 9.04
CA VAL A 142 21.06 10.27 10.24
C VAL A 142 21.21 9.18 11.30
N SER A 143 22.25 9.33 12.13
CA SER A 143 22.56 8.36 13.17
C SER A 143 22.95 9.11 14.43
N MET A 144 22.41 8.70 15.57
CA MET A 144 22.59 9.41 16.82
C MET A 144 23.24 8.52 17.87
N ASN A 145 23.80 9.17 18.90
CA ASN A 145 24.25 8.50 20.11
C ASN A 145 23.60 9.18 21.30
N TYR A 146 22.94 8.42 22.14
CA TYR A 146 22.28 8.95 23.34
C TYR A 146 22.91 8.35 24.59
N ARG A 147 22.82 9.10 25.69
CA ARG A 147 23.30 8.60 26.97
C ARG A 147 22.52 7.36 27.36
N VAL A 148 23.22 6.23 27.45
CA VAL A 148 22.61 4.94 27.69
C VAL A 148 22.95 4.49 29.10
N GLY A 149 22.09 3.63 29.66
CA GLY A 149 22.30 3.14 31.00
C GLY A 149 21.77 4.10 32.06
N ALA A 150 22.47 4.13 33.20
CA ALA A 150 22.06 4.98 34.31
C ALA A 150 22.29 6.46 34.03
N LEU A 151 23.01 6.82 32.98
CA LEU A 151 23.33 8.21 32.71
C LEU A 151 22.26 8.94 31.92
N GLY A 152 21.34 8.22 31.30
CA GLY A 152 20.28 8.84 30.54
C GLY A 152 18.90 8.35 30.93
N PHE A 153 18.85 7.46 31.93
CA PHE A 153 17.58 6.89 32.35
C PHE A 153 17.45 6.77 33.87
N LEU A 154 18.28 7.49 34.62
CA LEU A 154 18.11 7.58 36.06
C LEU A 154 16.99 8.57 36.35
N ALA A 155 15.94 8.10 37.03
CA ALA A 155 14.70 8.86 37.14
C ALA A 155 14.38 9.17 38.60
N LEU A 156 14.45 10.45 38.96
CA LEU A 156 13.83 10.94 40.18
C LEU A 156 12.58 11.72 39.78
N PRO A 157 11.39 11.21 40.06
CA PRO A 157 10.17 11.80 39.48
C PRO A 157 9.93 13.22 39.96
N GLY A 158 9.77 14.14 39.02
CA GLY A 158 9.48 15.53 39.31
C GLY A 158 10.70 16.41 39.52
N ASN A 159 11.73 15.88 40.16
CA ASN A 159 12.94 16.66 40.40
C ASN A 159 13.62 16.96 39.08
N PRO A 160 13.88 18.23 38.76
CA PRO A 160 14.58 18.53 37.50
C PRO A 160 16.00 17.98 37.44
N GLU A 161 16.66 17.82 38.60
CA GLU A 161 18.05 17.38 38.62
C GLU A 161 18.24 15.95 38.13
N ALA A 162 17.17 15.17 38.03
CA ALA A 162 17.19 13.84 37.43
C ALA A 162 15.76 13.43 37.09
N PRO A 163 15.16 14.04 36.06
CA PRO A 163 13.72 13.82 35.85
C PRO A 163 13.40 12.44 35.28
N GLY A 164 14.22 11.94 34.36
CA GLY A 164 13.97 10.64 33.76
C GLY A 164 13.93 10.69 32.25
N ASN A 165 14.32 9.59 31.61
CA ASN A 165 14.31 9.46 30.16
C ASN A 165 15.12 10.56 29.47
N MET A 166 16.20 11.01 30.13
CA MET A 166 17.09 11.97 29.49
C MET A 166 17.73 11.37 28.24
N GLY A 167 18.00 10.07 28.27
CA GLY A 167 18.47 9.41 27.06
C GLY A 167 17.48 9.52 25.92
N LEU A 168 16.19 9.40 26.22
CA LEU A 168 15.16 9.67 25.22
C LEU A 168 15.07 11.15 24.88
N PHE A 169 15.49 12.03 25.79
CA PHE A 169 15.55 13.45 25.48
C PHE A 169 16.73 13.80 24.58
N ASP A 170 17.83 13.05 24.70
CA ASP A 170 18.94 13.20 23.75
C ASP A 170 18.46 13.00 22.33
N GLN A 171 17.66 11.95 22.11
CA GLN A 171 17.10 11.69 20.79
C GLN A 171 16.20 12.83 20.35
N GLN A 172 15.31 13.29 21.23
CA GLN A 172 14.41 14.39 20.91
C GLN A 172 15.18 15.63 20.49
N LEU A 173 16.32 15.89 21.14
CA LEU A 173 17.17 16.99 20.71
C LEU A 173 17.90 16.66 19.42
N ALA A 174 18.32 15.40 19.26
CA ALA A 174 18.97 14.99 18.01
C ALA A 174 17.99 15.08 16.85
N LEU A 175 16.74 14.67 17.06
CA LEU A 175 15.72 14.87 16.05
C LEU A 175 15.38 16.34 15.85
N GLN A 176 15.64 17.18 16.85
CA GLN A 176 15.44 18.61 16.69
C GLN A 176 16.52 19.23 15.82
N TRP A 177 17.75 18.74 15.93
CA TRP A 177 18.83 19.22 15.08
C TRP A 177 18.52 19.00 13.61
N VAL A 178 18.06 17.79 13.27
CA VAL A 178 17.67 17.49 11.89
C VAL A 178 16.49 18.36 11.47
N GLN A 179 15.59 18.69 12.41
CA GLN A 179 14.49 19.58 12.08
C GLN A 179 14.94 21.03 11.92
N LYS A 180 16.08 21.39 12.52
CA LYS A 180 16.56 22.76 12.42
C LYS A 180 17.36 23.00 11.15
N ASN A 181 18.33 22.13 10.86
CA ASN A 181 19.39 22.50 9.93
C ASN A 181 19.83 21.36 9.01
N ILE A 182 18.93 20.41 8.69
CA ILE A 182 19.29 19.39 7.72
C ILE A 182 18.93 19.79 6.30
N ALA A 183 18.14 20.86 6.12
CA ALA A 183 17.92 21.41 4.79
C ALA A 183 19.21 21.96 4.19
N ALA A 184 20.17 22.35 5.02
CA ALA A 184 21.47 22.78 4.52
C ALA A 184 22.23 21.61 3.90
N PHE A 185 22.02 20.41 4.43
CA PHE A 185 22.58 19.19 3.87
C PHE A 185 21.81 18.68 2.65
N GLY A 186 20.59 19.15 2.44
CA GLY A 186 19.76 18.70 1.34
C GLY A 186 18.57 17.86 1.74
N GLY A 187 18.24 17.78 3.03
CA GLY A 187 17.19 16.90 3.49
C GLY A 187 15.84 17.57 3.57
N ASN A 188 14.80 16.73 3.50
CA ASN A 188 13.42 17.19 3.62
C ASN A 188 13.02 17.12 5.09
N PRO A 189 12.89 18.24 5.80
CA PRO A 189 12.48 18.19 7.21
C PRO A 189 11.04 17.74 7.40
N LYS A 190 10.26 17.63 6.34
CA LYS A 190 8.88 17.19 6.44
C LYS A 190 8.69 15.70 6.20
N SER A 191 9.58 15.07 5.43
CA SER A 191 9.55 13.62 5.18
C SER A 191 10.71 13.00 5.96
N VAL A 192 10.45 12.67 7.22
CA VAL A 192 11.46 12.16 8.14
C VAL A 192 10.92 10.90 8.80
N THR A 193 11.63 9.78 8.64
CA THR A 193 11.19 8.49 9.12
C THR A 193 12.14 7.97 10.19
N LEU A 194 11.57 7.61 11.34
CA LEU A 194 12.34 6.95 12.39
C LEU A 194 12.40 5.44 12.12
N PHE A 195 13.51 4.82 12.52
CA PHE A 195 13.62 3.37 12.46
C PHE A 195 14.73 2.91 13.39
N GLY A 196 14.39 1.94 14.25
CA GLY A 196 15.33 1.42 15.23
C GLY A 196 15.22 -0.08 15.40
N GLU A 197 15.86 -0.63 16.43
CA GLU A 197 15.88 -2.08 16.63
C GLU A 197 16.13 -2.40 18.09
N SER A 198 15.15 -3.05 18.73
CA SER A 198 15.28 -3.71 20.02
C SER A 198 15.36 -2.77 21.22
N ALA A 199 15.78 -1.54 21.00
CA ALA A 199 15.63 -0.50 22.01
C ALA A 199 15.36 0.81 21.28
N GLY A 200 15.84 0.88 20.05
CA GLY A 200 15.45 1.98 19.18
C GLY A 200 14.02 1.83 18.70
N ALA A 201 13.66 0.63 18.27
CA ALA A 201 12.26 0.35 17.96
C ALA A 201 11.38 0.61 19.17
N ALA A 202 11.88 0.30 20.37
CA ALA A 202 11.17 0.70 21.59
C ALA A 202 11.16 2.21 21.75
N SER A 203 12.31 2.86 21.47
CA SER A 203 12.36 4.31 21.54
C SER A 203 11.60 4.96 20.39
N VAL A 204 11.57 4.31 19.22
CA VAL A 204 10.76 4.81 18.11
C VAL A 204 9.29 4.84 18.50
N SER A 205 8.82 3.79 19.17
CA SER A 205 7.43 3.75 19.61
C SER A 205 7.14 4.76 20.70
N LEU A 206 8.13 5.01 21.58
CA LEU A 206 7.92 5.99 22.64
C LEU A 206 7.84 7.41 22.08
N HIS A 207 8.49 7.66 20.94
CA HIS A 207 8.38 8.96 20.30
C HIS A 207 7.03 9.16 19.62
N LEU A 208 6.30 8.08 19.36
CA LEU A 208 4.92 8.20 18.91
C LEU A 208 4.01 8.65 20.05
N LEU A 209 4.45 8.51 21.29
CA LEU A 209 3.69 8.92 22.47
C LEU A 209 4.06 10.31 22.96
N SER A 210 5.35 10.65 22.91
CA SER A 210 5.83 11.91 23.48
C SER A 210 5.27 13.08 22.69
N PRO A 211 4.51 13.99 23.32
CA PRO A 211 3.98 15.14 22.56
C PRO A 211 5.06 16.04 22.00
N GLY A 212 6.24 16.09 22.64
CA GLY A 212 7.32 16.92 22.15
C GLY A 212 7.95 16.45 20.87
N SER A 213 7.58 15.26 20.38
CA SER A 213 8.12 14.71 19.15
C SER A 213 7.08 14.60 18.05
N HIS A 214 5.83 15.02 18.30
CA HIS A 214 4.78 14.90 17.30
CA HIS A 214 4.76 14.90 17.31
C HIS A 214 4.99 15.78 16.09
N SER A 215 5.97 16.68 16.12
CA SER A 215 6.23 17.55 14.97
C SER A 215 7.66 17.38 14.44
N LEU A 216 8.36 16.34 14.86
CA LEU A 216 9.77 16.18 14.53
C LEU A 216 10.06 14.99 13.64
N PHE A 217 9.05 14.22 13.24
CA PHE A 217 9.24 13.14 12.28
C PHE A 217 7.91 12.85 11.61
N THR A 218 7.96 12.05 10.54
CA THR A 218 6.79 11.73 9.73
C THR A 218 6.27 10.31 9.97
N ARG A 219 7.14 9.31 9.88
CA ARG A 219 6.74 7.92 9.99
C ARG A 219 7.69 7.18 10.92
N ALA A 220 7.39 5.91 11.18
CA ALA A 220 8.13 5.11 12.14
C ALA A 220 8.29 3.69 11.60
N ILE A 221 9.41 3.07 11.96
CA ILE A 221 9.71 1.69 11.60
C ILE A 221 10.26 0.99 12.83
N LEU A 222 9.58 -0.05 13.30
CA LEU A 222 9.93 -0.74 14.54
C LEU A 222 10.38 -2.15 14.22
N GLN A 223 11.68 -2.41 14.34
CA GLN A 223 12.25 -3.71 14.04
C GLN A 223 12.51 -4.43 15.37
N SER A 224 11.62 -5.36 15.72
CA SER A 224 11.76 -6.21 16.89
C SER A 224 11.80 -5.39 18.18
N GLY A 225 10.82 -4.51 18.34
CA GLY A 225 10.76 -3.68 19.53
C GLY A 225 9.53 -2.79 19.61
N SER A 226 9.06 -2.55 20.84
CA SER A 226 7.87 -1.74 21.08
C SER A 226 7.81 -1.45 22.57
N PHE A 227 7.02 -0.42 22.93
CA PHE A 227 6.96 -0.03 24.33
C PHE A 227 6.10 -0.98 25.18
N ASN A 228 5.21 -1.74 24.56
CA ASN A 228 4.39 -2.69 25.32
C ASN A 228 5.14 -3.99 25.60
N ALA A 229 6.40 -4.11 25.20
CA ALA A 229 7.20 -5.24 25.59
C ALA A 229 7.44 -5.20 27.10
N PRO A 230 7.47 -6.35 27.77
CA PRO A 230 7.56 -6.35 29.24
C PRO A 230 8.84 -5.74 29.78
N TRP A 231 9.84 -5.51 28.93
CA TRP A 231 11.11 -4.94 29.35
C TRP A 231 11.27 -3.47 29.00
N ALA A 232 10.37 -2.91 28.20
CA ALA A 232 10.58 -1.57 27.66
C ALA A 232 10.53 -0.50 28.74
N VAL A 233 9.40 -0.36 29.41
CA VAL A 233 9.20 0.67 30.42
C VAL A 233 9.06 0.00 31.78
N THR A 234 9.76 0.54 32.77
CA THR A 234 9.68 0.06 34.14
C THR A 234 8.78 0.98 34.96
N SER A 235 8.12 0.40 35.96
CA SER A 235 7.16 1.14 36.76
C SER A 235 7.84 2.30 37.49
N LEU A 236 7.05 3.33 37.80
CA LEU A 236 7.62 4.58 38.29
C LEU A 236 8.28 4.40 39.66
N TYR A 237 7.55 3.87 40.63
CA TYR A 237 8.09 3.72 41.97
C TYR A 237 8.93 2.47 42.15
N GLU A 238 9.23 1.78 41.06
CA GLU A 238 10.34 0.84 41.02
C GLU A 238 11.57 1.45 40.37
N ALA A 239 11.39 2.37 39.42
CA ALA A 239 12.51 3.07 38.80
C ALA A 239 13.08 4.14 39.71
N ARG A 240 12.22 4.87 40.44
CA ARG A 240 12.70 5.84 41.42
C ARG A 240 13.47 5.16 42.54
N ASN A 241 13.02 3.97 42.92
CA ASN A 241 13.69 3.14 43.93
C ASN A 241 15.13 2.81 43.52
N ARG A 242 15.32 2.34 42.29
CA ARG A 242 16.65 1.92 41.86
C ARG A 242 17.59 3.10 41.72
N THR A 243 17.08 4.32 41.95
CA THR A 243 17.98 5.45 42.15
C THR A 243 18.49 5.46 43.58
N LEU A 244 17.58 5.26 44.55
CA LEU A 244 17.96 5.29 45.95
C LEU A 244 18.92 4.16 46.30
N ASN A 245 18.68 2.97 45.74
CA ASN A 245 19.59 1.86 46.00
C ASN A 245 20.94 2.08 45.34
N LEU A 246 20.98 2.83 44.23
CA LEU A 246 22.25 3.22 43.63
C LEU A 246 23.03 4.15 44.55
N ALA A 247 22.36 5.16 45.11
CA ALA A 247 23.01 6.05 46.05
C ALA A 247 23.37 5.31 47.34
N LYS A 248 22.48 4.44 47.80
CA LYS A 248 22.83 3.55 48.91
C LYS A 248 24.07 2.72 48.56
N LEU A 249 24.20 2.34 47.29
CA LEU A 249 25.32 1.51 46.87
C LEU A 249 26.63 2.31 46.90
N THR A 250 26.61 3.53 46.37
CA THR A 250 27.80 4.37 46.29
C THR A 250 28.10 5.12 47.59
N GLY A 251 27.48 4.71 48.70
CA GLY A 251 27.73 5.34 49.98
C GLY A 251 27.16 6.74 50.10
N CYS A 252 25.83 6.86 50.10
CA CYS A 252 25.17 8.15 50.22
C CYS A 252 23.95 8.00 51.11
N SER A 253 24.04 8.52 52.33
CA SER A 253 22.90 8.50 53.26
C SER A 253 21.99 9.69 52.98
N ARG A 254 20.69 9.47 53.14
CA ARG A 254 19.68 10.44 52.71
C ARG A 254 19.30 11.39 53.84
N GLU A 255 19.16 12.66 53.50
CA GLU A 255 18.55 13.69 54.33
C GLU A 255 17.27 14.23 53.69
N ASN A 256 17.35 14.60 52.42
CA ASN A 256 16.21 14.90 51.57
C ASN A 256 16.29 14.03 50.33
N GLU A 257 15.55 14.36 49.27
CA GLU A 257 15.66 13.62 48.02
C GLU A 257 16.48 14.34 46.95
N THR A 258 16.90 15.58 47.20
CA THR A 258 17.70 16.35 46.24
C THR A 258 19.18 16.36 46.57
N GLU A 259 19.53 16.49 47.85
CA GLU A 259 20.93 16.54 48.27
C GLU A 259 21.70 15.28 47.91
N ILE A 260 21.00 14.19 47.61
CA ILE A 260 21.65 12.92 47.34
C ILE A 260 22.27 12.92 45.94
N ILE A 261 21.59 13.53 44.97
CA ILE A 261 22.05 13.52 43.59
C ILE A 261 23.47 14.04 43.47
N LYS A 262 23.82 15.04 44.29
CA LYS A 262 25.16 15.63 44.20
C LYS A 262 26.26 14.65 44.59
N CYS A 263 25.93 13.60 45.35
CA CYS A 263 26.88 12.53 45.57
C CYS A 263 27.01 11.65 44.33
N LEU A 264 25.88 11.39 43.66
CA LEU A 264 25.89 10.59 42.44
C LEU A 264 26.82 11.17 41.39
N ARG A 265 27.00 12.49 41.41
CA ARG A 265 27.75 13.16 40.37
C ARG A 265 29.24 13.13 40.62
N ASN A 266 29.63 13.21 41.89
CA ASN A 266 31.04 13.34 42.24
C ASN A 266 31.84 12.11 41.84
N LYS A 267 31.24 10.93 41.88
CA LYS A 267 32.02 9.72 41.68
C LYS A 267 32.16 9.38 40.19
N ASP A 268 33.06 8.44 39.92
CA ASP A 268 33.57 8.21 38.57
C ASP A 268 32.48 7.62 37.67
N PRO A 269 32.60 7.82 36.34
CA PRO A 269 31.64 7.22 35.40
C PRO A 269 31.56 5.69 35.49
N GLN A 270 32.69 5.01 35.28
CA GLN A 270 32.69 3.55 35.38
C GLN A 270 32.48 3.08 36.82
N GLU A 271 32.67 3.98 37.80
CA GLU A 271 32.33 3.66 39.17
C GLU A 271 30.86 3.28 39.30
N ILE A 272 29.99 3.96 38.55
CA ILE A 272 28.55 3.73 38.70
C ILE A 272 28.02 2.69 37.71
N LEU A 273 28.69 2.48 36.57
CA LEU A 273 28.26 1.41 35.66
C LEU A 273 28.64 0.03 36.17
N LEU A 274 29.68 -0.07 37.00
CA LEU A 274 29.90 -1.30 37.75
C LEU A 274 28.66 -1.73 38.52
N ASN A 275 27.76 -0.78 38.78
CA ASN A 275 26.62 -0.98 39.66
C ASN A 275 25.33 -1.30 38.94
N GLU A 276 25.29 -1.15 37.61
CA GLU A 276 24.07 -1.40 36.86
C GLU A 276 23.65 -2.86 36.84
N ALA A 277 24.42 -3.75 37.48
CA ALA A 277 24.06 -5.16 37.56
C ALA A 277 23.48 -5.55 38.90
N PHE A 278 23.95 -4.96 40.00
CA PHE A 278 23.45 -5.26 41.34
C PHE A 278 22.22 -4.45 41.70
N VAL A 279 21.84 -3.48 40.87
CA VAL A 279 20.73 -2.60 41.20
C VAL A 279 19.41 -3.36 41.19
N VAL A 280 19.29 -4.37 40.34
CA VAL A 280 18.11 -5.24 40.28
C VAL A 280 18.50 -6.58 40.89
N PRO A 281 17.91 -6.99 42.01
CA PRO A 281 18.29 -8.27 42.63
C PRO A 281 17.84 -9.47 41.82
N TYR A 282 16.59 -9.46 41.38
CA TYR A 282 16.01 -10.57 40.61
C TYR A 282 16.16 -10.30 39.11
N GLY A 283 17.42 -10.12 38.69
CA GLY A 283 17.70 -9.84 37.30
C GLY A 283 17.57 -11.06 36.41
N THR A 284 17.42 -10.80 35.12
CA THR A 284 17.28 -11.82 34.09
C THR A 284 17.94 -11.29 32.83
N PRO A 285 18.44 -12.17 31.94
CA PRO A 285 19.13 -11.69 30.72
C PRO A 285 18.38 -10.63 29.93
N LEU A 286 17.09 -10.46 30.20
CA LEU A 286 16.28 -9.43 29.57
C LEU A 286 15.83 -8.36 30.55
N SER A 287 16.65 -8.06 31.55
CA SER A 287 16.33 -7.05 32.54
C SER A 287 16.93 -5.72 32.13
N VAL A 288 16.10 -4.69 32.10
CA VAL A 288 16.54 -3.32 31.88
C VAL A 288 16.62 -2.68 33.25
N ASN A 289 17.84 -2.56 33.78
CA ASN A 289 18.04 -2.02 35.11
C ASN A 289 17.85 -0.52 35.14
N PHE A 290 17.98 0.16 34.00
CA PHE A 290 17.77 1.62 33.94
C PHE A 290 17.30 1.93 32.53
N GLY A 291 15.99 2.14 32.39
CA GLY A 291 15.42 2.44 31.09
C GLY A 291 14.34 3.49 31.18
N PRO A 292 13.51 3.56 30.13
CA PRO A 292 12.42 4.55 30.12
C PRO A 292 11.44 4.33 31.26
N THR A 293 10.75 5.41 31.62
CA THR A 293 9.77 5.38 32.70
C THR A 293 8.83 6.56 32.51
N VAL A 294 7.83 6.64 33.40
CA VAL A 294 6.85 7.72 33.37
C VAL A 294 7.44 8.92 34.10
N ASP A 295 7.93 9.91 33.35
CA ASP A 295 8.55 11.08 33.94
C ASP A 295 7.64 12.31 33.97
N GLY A 296 6.44 12.22 33.38
CA GLY A 296 5.53 13.34 33.35
C GLY A 296 5.86 14.41 32.33
N ASP A 297 7.07 14.41 31.78
CA ASP A 297 7.48 15.37 30.76
C ASP A 297 7.64 14.70 29.41
N PHE A 298 8.47 13.66 29.33
CA PHE A 298 8.61 12.91 28.08
C PHE A 298 7.43 11.97 27.86
N LEU A 299 6.92 11.38 28.94
CA LEU A 299 5.82 10.42 28.88
C LEU A 299 4.80 10.79 29.94
N THR A 300 3.59 11.18 29.52
CA THR A 300 2.60 11.67 30.47
C THR A 300 2.08 10.55 31.36
N ASP A 301 1.89 9.35 30.80
CA ASP A 301 1.39 8.22 31.55
C ASP A 301 2.11 6.96 31.07
N MET A 302 1.72 5.82 31.62
CA MET A 302 2.28 4.56 31.17
C MET A 302 1.89 4.33 29.70
N PRO A 303 2.78 3.76 28.89
CA PRO A 303 2.51 3.67 27.45
C PRO A 303 1.26 2.90 27.10
N ASP A 304 0.90 1.87 27.85
CA ASP A 304 -0.28 1.07 27.52
C ASP A 304 -1.57 1.88 27.66
N ILE A 305 -1.59 2.87 28.55
CA ILE A 305 -2.79 3.69 28.72
C ILE A 305 -2.98 4.62 27.52
N LEU A 306 -1.91 5.32 27.14
CA LEU A 306 -2.01 6.24 26.00
C LEU A 306 -2.31 5.50 24.71
N LEU A 307 -1.82 4.27 24.57
CA LEU A 307 -2.12 3.49 23.38
C LEU A 307 -3.59 3.09 23.32
N GLU A 308 -4.13 2.62 24.44
CA GLU A 308 -5.54 2.21 24.47
C GLU A 308 -6.46 3.39 24.23
N LEU A 309 -6.18 4.53 24.87
CA LEU A 309 -6.97 5.73 24.68
C LEU A 309 -6.65 6.45 23.38
N GLY A 310 -5.68 5.97 22.61
CA GLY A 310 -5.41 6.52 21.30
C GLY A 310 -4.79 7.91 21.30
N GLN A 311 -4.00 8.23 22.32
CA GLN A 311 -3.36 9.54 22.40
C GLN A 311 -1.90 9.43 21.94
N PHE A 312 -1.74 9.15 20.66
CA PHE A 312 -0.43 9.02 20.05
C PHE A 312 -0.44 9.69 18.67
N LYS A 313 0.75 9.78 18.07
CA LYS A 313 0.87 10.40 16.75
C LYS A 313 0.26 9.49 15.69
N LYS A 314 -0.79 9.96 15.05
CA LYS A 314 -1.48 9.20 14.00
C LYS A 314 -0.62 9.25 12.74
N THR A 315 0.10 8.17 12.46
CA THR A 315 0.97 8.10 11.29
C THR A 315 1.11 6.63 10.88
N GLN A 316 1.81 6.42 9.77
CA GLN A 316 2.03 5.07 9.24
C GLN A 316 3.28 4.46 9.84
N ILE A 317 3.19 3.18 10.19
CA ILE A 317 4.29 2.48 10.83
C ILE A 317 4.65 1.24 10.02
N LEU A 318 5.86 0.73 10.27
CA LEU A 318 6.37 -0.49 9.64
C LEU A 318 7.07 -1.28 10.72
N VAL A 319 6.37 -2.25 11.32
CA VAL A 319 6.89 -3.00 12.45
C VAL A 319 6.98 -4.47 12.06
N GLY A 320 8.05 -5.12 12.48
CA GLY A 320 8.20 -6.55 12.24
C GLY A 320 9.22 -7.15 13.18
N VAL A 321 9.26 -8.49 13.18
CA VAL A 321 10.12 -9.26 14.05
C VAL A 321 10.84 -10.32 13.22
N ASN A 322 11.79 -10.99 13.87
CA ASN A 322 12.52 -12.08 13.25
C ASN A 322 11.95 -13.41 13.73
N LYS A 323 12.48 -14.51 13.19
CA LYS A 323 11.88 -15.82 13.42
C LYS A 323 12.32 -16.44 14.74
N ASP A 324 13.54 -16.16 15.18
CA ASP A 324 14.12 -16.79 16.38
C ASP A 324 14.75 -15.72 17.27
N GLU A 325 13.95 -14.71 17.63
CA GLU A 325 14.44 -13.62 18.45
C GLU A 325 14.97 -14.11 19.79
N GLY A 326 14.32 -15.12 20.38
CA GLY A 326 14.64 -15.51 21.75
C GLY A 326 15.94 -16.25 21.93
N THR A 327 16.49 -16.83 20.84
CA THR A 327 17.66 -17.69 20.98
C THR A 327 18.93 -16.94 21.36
N ALA A 328 18.97 -15.63 21.10
CA ALA A 328 20.17 -14.85 21.43
C ALA A 328 20.38 -14.73 22.93
N PHE A 329 19.34 -14.92 23.73
CA PHE A 329 19.38 -14.69 25.17
C PHE A 329 19.57 -15.98 25.95
N LEU A 330 19.63 -17.12 25.28
CA LEU A 330 19.79 -18.40 25.97
C LEU A 330 21.25 -18.72 26.27
N VAL A 331 22.18 -18.21 25.45
CA VAL A 331 23.60 -18.47 25.68
C VAL A 331 24.21 -17.59 26.76
N TYR A 332 23.40 -16.75 27.41
CA TYR A 332 23.88 -15.83 28.43
C TYR A 332 23.35 -16.19 29.82
N GLY A 333 23.33 -17.49 30.15
CA GLY A 333 22.96 -17.89 31.50
C GLY A 333 22.05 -19.10 31.60
N ALA A 334 21.30 -19.39 30.54
CA ALA A 334 20.38 -20.52 30.57
C ALA A 334 21.16 -21.83 30.66
N PRO A 335 20.66 -22.81 31.40
CA PRO A 335 21.42 -24.06 31.59
C PRO A 335 21.43 -24.90 30.33
N GLY A 336 22.60 -25.47 30.04
CA GLY A 336 22.76 -26.35 28.89
C GLY A 336 22.82 -25.66 27.54
N PHE A 337 23.16 -24.36 27.51
CA PHE A 337 23.17 -23.59 26.27
C PHE A 337 24.56 -22.99 26.08
N SER A 338 25.21 -23.36 24.97
CA SER A 338 26.53 -22.85 24.65
C SER A 338 26.62 -22.55 23.16
N LYS A 339 27.65 -21.79 22.80
CA LYS A 339 27.91 -21.42 21.41
C LYS A 339 28.50 -22.56 20.59
N ASP A 340 29.17 -23.51 21.22
CA ASP A 340 29.98 -24.50 20.50
C ASP A 340 29.42 -25.92 20.63
N ASN A 341 28.15 -26.04 21.01
CA ASN A 341 27.41 -27.27 21.18
C ASN A 341 26.44 -27.40 20.00
N ASN A 342 25.56 -28.40 20.09
CA ASN A 342 24.25 -28.32 19.45
C ASN A 342 23.15 -28.04 20.46
N SER A 343 23.46 -28.13 21.76
CA SER A 343 22.66 -27.56 22.86
C SER A 343 21.29 -28.20 22.98
N ILE A 344 21.24 -29.53 23.01
CA ILE A 344 20.02 -30.26 23.31
C ILE A 344 19.77 -30.22 24.81
N ILE A 345 18.50 -30.15 25.22
CA ILE A 345 18.13 -30.09 26.63
C ILE A 345 17.00 -31.07 26.90
N THR A 346 16.89 -31.49 28.16
CA THR A 346 15.83 -32.38 28.62
C THR A 346 14.65 -31.53 29.11
N ARG A 347 13.73 -32.14 29.86
CA ARG A 347 12.47 -31.49 30.18
C ARG A 347 12.66 -30.30 31.13
N LYS A 348 13.29 -30.51 32.29
CA LYS A 348 13.28 -29.47 33.32
C LYS A 348 14.44 -28.48 33.19
N GLU A 349 15.45 -28.74 32.37
CA GLU A 349 16.33 -27.63 32.05
C GLU A 349 15.60 -26.58 31.23
N PHE A 350 14.49 -26.96 30.59
CA PHE A 350 13.51 -25.98 30.13
C PHE A 350 12.76 -25.36 31.31
N GLN A 351 12.39 -26.18 32.30
CA GLN A 351 11.62 -25.68 33.44
C GLN A 351 12.46 -24.70 34.26
N GLU A 352 13.67 -25.10 34.64
CA GLU A 352 14.60 -24.18 35.27
C GLU A 352 15.10 -23.13 34.29
N GLY A 353 15.05 -23.43 32.99
CA GLY A 353 15.20 -22.43 31.96
C GLY A 353 14.03 -21.48 31.84
N LEU A 354 13.01 -21.62 32.68
CA LEU A 354 11.91 -20.67 32.77
C LEU A 354 12.08 -19.70 33.93
N LYS A 355 12.48 -20.17 35.10
CA LYS A 355 12.67 -19.27 36.23
C LYS A 355 13.88 -18.35 36.05
N ILE A 356 14.77 -18.67 35.10
CA ILE A 356 15.83 -17.72 34.75
C ILE A 356 15.23 -16.49 34.06
N PHE A 357 14.19 -16.70 33.25
CA PHE A 357 13.54 -15.61 32.54
C PHE A 357 12.26 -15.13 33.22
N PHE A 358 11.68 -15.94 34.10
CA PHE A 358 10.43 -15.63 34.80
C PHE A 358 10.61 -15.85 36.28
N PRO A 359 11.38 -15.00 36.96
CA PRO A 359 11.67 -15.26 38.38
C PRO A 359 10.46 -15.11 39.29
N GLY A 360 9.62 -14.10 39.06
CA GLY A 360 8.51 -13.85 39.94
C GLY A 360 7.18 -14.40 39.47
N VAL A 361 7.18 -15.60 38.90
CA VAL A 361 5.97 -16.24 38.39
C VAL A 361 5.71 -17.50 39.21
N SER A 362 4.43 -17.77 39.45
CA SER A 362 4.04 -18.96 40.21
C SER A 362 4.46 -20.23 39.49
N GLU A 363 4.56 -21.32 40.26
CA GLU A 363 4.85 -22.61 39.66
C GLU A 363 3.77 -23.03 38.68
N PHE A 364 2.51 -22.66 38.96
CA PHE A 364 1.43 -22.88 38.00
C PHE A 364 1.68 -22.11 36.71
N GLY A 365 2.27 -20.91 36.82
CA GLY A 365 2.56 -20.13 35.64
C GLY A 365 3.59 -20.78 34.74
N LYS A 366 4.67 -21.29 35.35
CA LYS A 366 5.72 -21.93 34.56
C LYS A 366 5.23 -23.26 33.97
N GLU A 367 4.43 -24.00 34.71
CA GLU A 367 3.84 -25.21 34.17
C GLU A 367 2.86 -24.91 33.05
N SER A 368 2.17 -23.77 33.12
CA SER A 368 1.32 -23.33 32.02
C SER A 368 2.15 -22.98 30.79
N ILE A 369 3.29 -22.32 31.00
CA ILE A 369 4.19 -22.02 29.89
C ILE A 369 4.74 -23.31 29.30
N LEU A 370 5.11 -24.26 30.15
CA LEU A 370 5.64 -25.53 29.66
C LEU A 370 4.60 -26.29 28.86
N PHE A 371 3.40 -26.45 29.42
CA PHE A 371 2.38 -27.27 28.77
C PHE A 371 1.99 -26.70 27.41
N HIS A 372 1.88 -25.37 27.31
CA HIS A 372 1.43 -24.77 26.06
C HIS A 372 2.49 -24.86 24.96
N TYR A 373 3.77 -24.96 25.33
CA TYR A 373 4.85 -25.10 24.37
C TYR A 373 5.37 -26.53 24.29
N THR A 374 4.55 -27.50 24.69
CA THR A 374 4.93 -28.92 24.69
C THR A 374 4.16 -29.72 23.64
N ASP A 375 3.14 -29.13 23.02
CA ASP A 375 2.31 -29.81 22.01
C ASP A 375 3.17 -30.07 20.78
N TRP A 376 3.90 -31.19 20.82
CA TRP A 376 4.87 -31.49 19.78
C TRP A 376 4.20 -31.93 18.49
N VAL A 377 4.74 -31.45 17.37
CA VAL A 377 4.43 -32.05 16.08
C VAL A 377 5.13 -33.40 15.95
N ASP A 378 6.31 -33.52 16.57
CA ASP A 378 7.05 -34.78 16.63
C ASP A 378 7.80 -34.78 17.97
N ASP A 379 7.52 -35.75 18.83
CA ASP A 379 8.18 -35.77 20.13
C ASP A 379 9.62 -36.20 19.97
N GLN A 380 9.86 -37.43 19.53
CA GLN A 380 11.18 -38.05 19.66
C GLN A 380 12.24 -37.27 18.88
N ARG A 381 11.81 -36.23 18.18
CA ARG A 381 12.66 -35.15 17.69
C ARG A 381 13.46 -34.57 18.86
N PRO A 382 14.78 -34.72 18.88
CA PRO A 382 15.55 -34.28 20.05
C PRO A 382 15.68 -32.76 20.16
N GLU A 383 15.45 -32.02 19.08
CA GLU A 383 15.57 -30.57 19.10
C GLU A 383 14.30 -29.87 19.57
N ASN A 384 13.47 -30.56 20.36
CA ASN A 384 12.19 -30.01 20.77
C ASN A 384 12.33 -28.95 21.86
N TYR A 385 12.96 -29.31 22.98
CA TYR A 385 12.92 -28.44 24.16
C TYR A 385 13.77 -27.20 23.98
N ARG A 386 14.83 -27.26 23.15
CA ARG A 386 15.63 -26.07 22.92
C ARG A 386 14.94 -25.11 21.95
N GLU A 387 14.21 -25.65 20.96
CA GLU A 387 13.39 -24.81 20.10
C GLU A 387 12.22 -24.23 20.86
N ALA A 388 11.75 -24.92 21.89
CA ALA A 388 10.62 -24.44 22.68
C ALA A 388 11.03 -23.29 23.59
N LEU A 389 12.20 -23.40 24.23
CA LEU A 389 12.66 -22.33 25.11
C LEU A 389 12.97 -21.06 24.33
N GLY A 390 13.51 -21.20 23.12
CA GLY A 390 13.75 -20.03 22.29
C GLY A 390 12.47 -19.32 21.92
N ASP A 391 11.41 -20.07 21.62
CA ASP A 391 10.13 -19.46 21.30
C ASP A 391 9.46 -18.87 22.54
N VAL A 392 9.73 -19.44 23.71
CA VAL A 392 9.16 -18.88 24.94
C VAL A 392 9.69 -17.48 25.17
N VAL A 393 11.01 -17.31 25.13
CA VAL A 393 11.60 -15.98 25.30
C VAL A 393 11.28 -15.09 24.10
N GLY A 394 11.19 -15.67 22.91
CA GLY A 394 10.98 -14.85 21.72
C GLY A 394 9.60 -14.22 21.68
N ASP A 395 8.56 -15.02 21.90
CA ASP A 395 7.19 -14.51 21.78
C ASP A 395 6.84 -13.59 22.94
N TYR A 396 7.24 -13.94 24.15
CA TYR A 396 6.89 -13.14 25.31
C TYR A 396 7.47 -11.73 25.20
N ASN A 397 8.68 -11.61 24.66
CA ASN A 397 9.39 -10.34 24.72
C ASN A 397 9.33 -9.54 23.43
N PHE A 398 9.30 -10.18 22.27
CA PHE A 398 9.37 -9.40 21.04
C PHE A 398 8.27 -9.71 20.04
N ILE A 399 7.89 -10.98 19.87
CA ILE A 399 6.96 -11.35 18.81
C ILE A 399 5.57 -10.82 19.13
N CYS A 400 5.00 -11.25 20.25
CA CYS A 400 3.68 -10.75 20.63
C CYS A 400 3.68 -9.25 20.93
N PRO A 401 4.58 -8.71 21.75
CA PRO A 401 4.56 -7.25 21.98
C PRO A 401 4.54 -6.42 20.72
N ALA A 402 5.18 -6.88 19.64
CA ALA A 402 5.10 -6.17 18.38
C ALA A 402 3.78 -6.44 17.65
N LEU A 403 3.23 -7.64 17.80
CA LEU A 403 2.00 -7.99 17.09
C LEU A 403 0.81 -7.24 17.66
N GLU A 404 0.61 -7.31 18.99
CA GLU A 404 -0.56 -6.70 19.60
C GLU A 404 -0.47 -5.18 19.61
N PHE A 405 0.74 -4.62 19.58
CA PHE A 405 0.89 -3.18 19.41
C PHE A 405 0.33 -2.75 18.06
N THR A 406 0.72 -3.45 16.99
CA THR A 406 0.20 -3.15 15.67
C THR A 406 -1.31 -3.33 15.62
N LYS A 407 -1.81 -4.39 16.26
CA LYS A 407 -3.25 -4.61 16.32
C LYS A 407 -3.96 -3.41 16.94
N LYS A 408 -3.44 -2.91 18.06
CA LYS A 408 -4.03 -1.74 18.71
C LYS A 408 -3.73 -0.46 17.96
N PHE A 409 -2.56 -0.36 17.33
CA PHE A 409 -2.25 0.82 16.51
C PHE A 409 -3.11 0.86 15.25
N SER A 410 -3.37 -0.31 14.66
CA SER A 410 -4.21 -0.37 13.47
C SER A 410 -5.65 0.03 13.76
N GLU A 411 -6.10 -0.09 15.01
CA GLU A 411 -7.48 0.22 15.35
C GLU A 411 -7.81 1.69 15.11
N TRP A 412 -6.81 2.56 15.17
CA TRP A 412 -7.03 4.00 15.07
C TRP A 412 -6.87 4.52 13.64
N GLY A 413 -6.91 3.62 12.65
CA GLY A 413 -7.16 4.01 11.29
C GLY A 413 -5.98 4.46 10.46
N ASN A 414 -4.76 4.06 10.81
CA ASN A 414 -3.58 4.39 10.03
C ASN A 414 -2.96 3.12 9.46
N ASN A 415 -2.44 3.24 8.24
CA ASN A 415 -1.88 2.08 7.55
C ASN A 415 -0.66 1.56 8.29
N ALA A 416 -0.70 0.30 8.69
CA ALA A 416 0.41 -0.37 9.34
C ALA A 416 0.78 -1.62 8.56
N PHE A 417 2.07 -1.92 8.49
CA PHE A 417 2.56 -3.06 7.73
C PHE A 417 3.46 -3.90 8.63
N PHE A 418 3.25 -5.22 8.63
CA PHE A 418 4.01 -6.14 9.45
C PHE A 418 4.83 -7.07 8.57
N TYR A 419 6.05 -7.37 9.00
CA TYR A 419 6.92 -8.30 8.30
C TYR A 419 7.42 -9.38 9.26
N TYR A 420 7.84 -10.50 8.67
CA TYR A 420 8.37 -11.64 9.41
C TYR A 420 9.65 -12.09 8.72
N PHE A 421 10.79 -11.76 9.31
CA PHE A 421 12.09 -12.06 8.72
C PHE A 421 12.47 -13.50 9.06
N GLU A 422 12.58 -14.35 8.03
CA GLU A 422 12.86 -15.77 8.22
C GLU A 422 14.20 -16.20 7.64
N HIS A 423 15.01 -15.26 7.18
CA HIS A 423 16.25 -15.58 6.50
C HIS A 423 17.42 -15.53 7.47
N ARG A 424 18.21 -16.60 7.51
CA ARG A 424 19.42 -16.64 8.30
C ARG A 424 20.61 -16.32 7.39
N SER A 425 21.34 -15.26 7.73
CA SER A 425 22.48 -14.86 6.91
C SER A 425 23.59 -15.90 6.97
N SER A 426 24.28 -16.07 5.84
CA SER A 426 25.31 -17.11 5.75
C SER A 426 26.50 -16.80 6.65
N LYS A 427 26.86 -15.53 6.79
CA LYS A 427 28.03 -15.13 7.58
C LYS A 427 27.71 -14.96 9.06
N LEU A 428 26.55 -15.41 9.51
CA LEU A 428 26.25 -15.36 10.94
C LEU A 428 27.24 -16.24 11.70
N PRO A 429 28.05 -15.67 12.60
CA PRO A 429 29.08 -16.48 13.27
C PRO A 429 28.55 -17.42 14.33
N TRP A 430 27.33 -17.23 14.81
CA TRP A 430 26.76 -18.12 15.82
C TRP A 430 26.27 -19.41 15.18
N PRO A 431 26.16 -20.49 15.97
CA PRO A 431 25.76 -21.79 15.39
C PRO A 431 24.35 -21.77 14.83
N GLU A 432 24.04 -22.81 14.07
CA GLU A 432 22.79 -22.86 13.32
C GLU A 432 21.57 -23.10 14.19
N TRP A 433 21.73 -23.64 15.39
CA TRP A 433 20.57 -23.96 16.23
C TRP A 433 19.83 -22.70 16.69
N MET A 434 20.45 -21.53 16.59
CA MET A 434 19.81 -20.29 16.98
C MET A 434 19.04 -19.63 15.84
N GLY A 435 19.17 -20.13 14.61
CA GLY A 435 18.41 -19.68 13.46
C GLY A 435 18.54 -18.19 13.22
N VAL A 436 17.46 -17.60 12.71
CA VAL A 436 17.42 -16.17 12.44
C VAL A 436 17.39 -15.43 13.76
N MET A 437 18.55 -14.94 14.19
CA MET A 437 18.71 -14.45 15.54
C MET A 437 18.29 -12.99 15.68
N HIS A 438 18.13 -12.57 16.92
CA HIS A 438 17.75 -11.19 17.22
C HIS A 438 18.85 -10.23 16.79
N GLY A 439 18.48 -9.22 16.01
CA GLY A 439 19.39 -8.16 15.64
C GLY A 439 20.21 -8.39 14.40
N TYR A 440 20.11 -9.56 13.76
CA TYR A 440 20.91 -9.87 12.59
C TYR A 440 20.11 -9.77 11.30
N GLU A 441 19.10 -8.91 11.28
CA GLU A 441 18.41 -8.51 10.05
C GLU A 441 18.78 -7.10 9.61
N ILE A 442 19.42 -6.32 10.48
CA ILE A 442 19.76 -4.95 10.13
C ILE A 442 20.88 -4.88 9.10
N GLU A 443 21.70 -5.93 9.01
CA GLU A 443 22.66 -6.02 7.91
C GLU A 443 21.96 -5.91 6.57
N PHE A 444 20.81 -6.57 6.43
CA PHE A 444 20.03 -6.46 5.21
C PHE A 444 19.34 -5.10 5.10
N VAL A 445 18.97 -4.51 6.25
CA VAL A 445 18.27 -3.23 6.22
C VAL A 445 19.19 -2.12 5.74
N PHE A 446 20.45 -2.16 6.17
CA PHE A 446 21.43 -1.15 5.76
C PHE A 446 22.12 -1.49 4.45
N GLY A 447 21.74 -2.57 3.80
CA GLY A 447 22.28 -2.89 2.48
C GLY A 447 23.70 -3.40 2.48
N LEU A 448 24.10 -4.15 3.51
CA LEU A 448 25.45 -4.71 3.55
C LEU A 448 25.63 -5.82 2.51
N PRO A 449 24.68 -6.75 2.35
CA PRO A 449 24.83 -7.75 1.28
C PRO A 449 24.89 -7.13 -0.11
N LEU A 450 24.45 -5.88 -0.27
CA LEU A 450 24.55 -5.20 -1.56
C LEU A 450 25.99 -5.12 -2.05
N GLU A 451 26.97 -5.35 -1.18
CA GLU A 451 28.36 -5.35 -1.57
C GLU A 451 28.83 -6.77 -1.89
N ARG A 452 29.66 -6.89 -2.93
CA ARG A 452 30.17 -8.17 -3.38
C ARG A 452 31.44 -8.59 -2.66
N ARG A 453 32.14 -7.68 -1.99
CA ARG A 453 33.43 -7.97 -1.38
C ARG A 453 33.31 -8.46 0.06
N ASP A 454 32.10 -8.59 0.59
CA ASP A 454 31.90 -9.14 1.92
C ASP A 454 31.54 -10.62 1.89
N ASN A 455 31.65 -11.25 0.72
CA ASN A 455 31.35 -12.68 0.54
C ASN A 455 29.90 -13.00 0.91
N TYR A 456 28.99 -12.10 0.53
CA TYR A 456 27.56 -12.36 0.64
C TYR A 456 27.07 -12.98 -0.67
N THR A 457 26.25 -14.02 -0.55
CA THR A 457 25.77 -14.70 -1.75
C THR A 457 24.75 -13.83 -2.49
N LYS A 458 24.54 -14.17 -3.77
CA LYS A 458 23.70 -13.35 -4.63
C LYS A 458 22.24 -13.33 -4.17
N ALA A 459 21.76 -14.43 -3.58
CA ALA A 459 20.38 -14.47 -3.12
C ALA A 459 20.12 -13.48 -1.99
N GLU A 460 21.12 -13.26 -1.13
CA GLU A 460 20.96 -12.35 0.00
C GLU A 460 21.01 -10.89 -0.45
N GLU A 461 21.81 -10.58 -1.46
CA GLU A 461 21.90 -9.21 -1.95
C GLU A 461 20.64 -8.82 -2.72
N ILE A 462 20.07 -9.76 -3.47
CA ILE A 462 18.75 -9.54 -4.05
C ILE A 462 17.72 -9.30 -2.96
N LEU A 463 17.83 -10.04 -1.86
CA LEU A 463 16.96 -9.79 -0.71
C LEU A 463 17.29 -8.46 -0.05
N SER A 464 18.58 -8.16 0.12
CA SER A 464 18.96 -6.89 0.74
C SER A 464 18.48 -5.71 -0.09
N ARG A 465 18.67 -5.78 -1.42
CA ARG A 465 18.16 -4.72 -2.28
C ARG A 465 16.64 -4.65 -2.25
N SER A 466 15.98 -5.78 -1.99
CA SER A 466 14.52 -5.78 -1.94
C SER A 466 14.02 -5.03 -0.72
N ILE A 467 14.53 -5.37 0.47
CA ILE A 467 14.04 -4.71 1.68
C ILE A 467 14.58 -3.30 1.83
N VAL A 468 15.73 -2.97 1.22
CA VAL A 468 16.19 -1.59 1.23
C VAL A 468 15.28 -0.73 0.37
N LYS A 469 14.81 -1.27 -0.76
CA LYS A 469 13.89 -0.51 -1.61
C LYS A 469 12.57 -0.23 -0.91
N ARG A 470 12.01 -1.24 -0.23
CA ARG A 470 10.73 -1.03 0.45
C ARG A 470 10.89 -0.23 1.74
N TRP A 471 12.00 -0.41 2.46
CA TRP A 471 12.27 0.45 3.61
C TRP A 471 12.34 1.91 3.18
N ALA A 472 12.96 2.17 2.03
CA ALA A 472 13.06 3.54 1.52
C ALA A 472 11.74 4.03 0.95
N ASN A 473 11.00 3.16 0.26
CA ASN A 473 9.73 3.57 -0.34
C ASN A 473 8.70 3.90 0.73
N PHE A 474 8.64 3.11 1.80
CA PHE A 474 7.75 3.43 2.92
C PHE A 474 8.10 4.78 3.52
N ALA A 475 9.40 5.09 3.58
CA ALA A 475 9.83 6.35 4.19
C ALA A 475 9.36 7.55 3.38
N LYS A 476 9.51 7.49 2.06
CA LYS A 476 9.12 8.64 1.25
C LYS A 476 7.61 8.66 1.02
N TYR A 477 6.99 7.50 0.82
CA TYR A 477 5.63 7.42 0.29
C TYR A 477 4.59 6.93 1.30
N GLY A 478 4.97 6.07 2.23
CA GLY A 478 4.02 5.52 3.18
C GLY A 478 3.62 4.08 2.94
N ASN A 479 4.01 3.51 1.80
CA ASN A 479 3.80 2.10 1.51
C ASN A 479 5.14 1.47 1.19
N PRO A 480 5.54 0.41 1.90
CA PRO A 480 6.78 -0.31 1.55
C PRO A 480 6.59 -1.23 0.36
N ASN A 481 6.16 -0.67 -0.77
CA ASN A 481 6.02 -1.45 -1.99
C ASN A 481 7.37 -1.64 -2.64
N GLU A 482 7.54 -2.78 -3.31
CA GLU A 482 8.77 -3.04 -4.05
C GLU A 482 8.75 -2.30 -5.38
N THR A 483 7.93 -2.76 -6.32
CA THR A 483 7.65 -2.06 -7.57
C THR A 483 6.18 -2.35 -7.90
N GLN A 484 5.80 -2.12 -9.14
CA GLN A 484 4.53 -2.61 -9.66
C GLN A 484 4.80 -3.33 -10.98
N ASN A 485 4.05 -4.40 -11.21
CA ASN A 485 4.06 -5.32 -12.35
C ASN A 485 5.09 -6.44 -12.23
N ASN A 486 5.86 -6.52 -11.14
CA ASN A 486 6.68 -7.70 -10.91
C ASN A 486 6.81 -8.10 -9.45
N SER A 487 6.22 -7.37 -8.51
CA SER A 487 6.49 -7.57 -7.10
C SER A 487 5.26 -8.10 -6.38
N THR A 488 5.52 -8.69 -5.21
CA THR A 488 4.46 -9.16 -4.34
C THR A 488 3.96 -8.02 -3.47
N SER A 489 2.66 -7.78 -3.50
CA SER A 489 2.08 -6.66 -2.75
C SER A 489 2.21 -6.90 -1.26
N TRP A 490 2.48 -5.82 -0.52
CA TRP A 490 2.54 -5.87 0.93
C TRP A 490 1.25 -5.26 1.48
N PRO A 491 0.28 -6.07 1.88
CA PRO A 491 -1.00 -5.52 2.36
C PRO A 491 -0.85 -4.87 3.72
N VAL A 492 -1.82 -4.02 4.04
CA VAL A 492 -1.85 -3.32 5.31
C VAL A 492 -2.35 -4.26 6.40
N PHE A 493 -1.72 -4.19 7.57
CA PHE A 493 -2.11 -5.00 8.71
C PHE A 493 -3.28 -4.35 9.43
N LYS A 494 -4.37 -5.10 9.60
CA LYS A 494 -5.51 -4.64 10.37
C LYS A 494 -6.07 -5.78 11.22
N SER A 495 -6.71 -5.39 12.33
CA SER A 495 -7.04 -6.32 13.41
C SER A 495 -7.87 -7.51 12.97
N THR A 496 -8.60 -7.41 11.87
CA THR A 496 -9.53 -8.47 11.50
C THR A 496 -8.85 -9.61 10.74
N GLU A 497 -8.07 -9.29 9.72
CA GLU A 497 -7.40 -10.31 8.91
C GLU A 497 -5.95 -10.52 9.29
N GLN A 498 -5.25 -9.46 9.72
CA GLN A 498 -3.90 -9.56 10.26
C GLN A 498 -2.92 -10.13 9.22
N LYS A 499 -2.83 -9.43 8.09
CA LYS A 499 -1.91 -9.84 7.03
C LYS A 499 -0.50 -9.36 7.33
N TYR A 500 0.48 -10.22 7.08
CA TYR A 500 1.88 -9.84 7.23
C TYR A 500 2.69 -10.44 6.09
N LEU A 501 3.82 -9.81 5.81
CA LEU A 501 4.70 -10.18 4.71
C LEU A 501 5.93 -10.90 5.24
N THR A 502 6.34 -11.95 4.54
CA THR A 502 7.52 -12.71 4.91
C THR A 502 8.72 -12.26 4.08
N LEU A 503 9.86 -12.14 4.74
CA LEU A 503 11.11 -11.72 4.10
C LEU A 503 12.12 -12.85 4.22
N ASN A 504 12.44 -13.46 3.08
CA ASN A 504 13.34 -14.61 3.01
C ASN A 504 13.95 -14.64 1.60
N THR A 505 14.65 -15.74 1.28
CA THR A 505 15.08 -15.99 -0.09
C THR A 505 14.21 -17.00 -0.82
N GLU A 506 13.44 -17.81 -0.09
CA GLU A 506 12.61 -18.82 -0.75
C GLU A 506 11.45 -18.16 -1.49
N SER A 507 10.59 -17.47 -0.76
CA SER A 507 9.42 -16.82 -1.36
C SER A 507 8.80 -15.81 -0.41
N THR A 508 8.63 -14.57 -0.87
CA THR A 508 7.94 -13.54 -0.07
C THR A 508 6.45 -13.80 -0.16
N ARG A 509 5.90 -14.40 0.89
CA ARG A 509 4.50 -14.82 0.91
C ARG A 509 3.66 -13.84 1.73
N ILE A 510 2.35 -13.90 1.49
CA ILE A 510 1.37 -13.21 2.32
C ILE A 510 0.78 -14.25 3.26
N MET A 511 0.86 -13.99 4.56
CA MET A 511 0.31 -14.88 5.57
C MET A 511 -0.58 -14.09 6.50
N THR A 512 -1.31 -14.80 7.36
CA THR A 512 -2.26 -14.20 8.28
C THR A 512 -2.03 -14.72 9.68
N LYS A 513 -2.25 -13.84 10.67
CA LYS A 513 -2.28 -14.20 12.08
C LYS A 513 -1.01 -14.94 12.51
N LEU A 514 0.09 -14.20 12.45
CA LEU A 514 1.38 -14.74 12.86
C LEU A 514 1.34 -15.18 14.32
N ARG A 515 1.61 -16.46 14.55
CA ARG A 515 1.68 -17.04 15.91
C ARG A 515 0.46 -16.65 16.75
N ALA A 516 -0.72 -16.68 16.13
CA ALA A 516 -1.94 -16.32 16.85
C ALA A 516 -2.25 -17.35 17.93
N GLN A 517 -1.98 -18.63 17.67
CA GLN A 517 -2.24 -19.66 18.67
C GLN A 517 -1.28 -19.56 19.84
N GLN A 518 -0.02 -19.21 19.57
CA GLN A 518 0.97 -19.10 20.64
C GLN A 518 0.79 -17.80 21.43
N CYS A 519 0.62 -16.67 20.72
CA CYS A 519 0.56 -15.38 21.39
C CYS A 519 -0.72 -15.21 22.20
N ARG A 520 -1.79 -15.96 21.89
CA ARG A 520 -3.00 -15.87 22.70
C ARG A 520 -2.72 -16.23 24.16
N PHE A 521 -1.77 -17.13 24.40
CA PHE A 521 -1.39 -17.47 25.77
C PHE A 521 -0.89 -16.25 26.53
N TRP A 522 -0.01 -15.47 25.91
CA TRP A 522 0.58 -14.31 26.56
C TRP A 522 -0.38 -13.12 26.64
N THR A 523 -1.54 -13.19 25.98
CA THR A 523 -2.52 -12.12 26.03
C THR A 523 -3.70 -12.43 26.93
N SER A 524 -4.29 -13.62 26.80
CA SER A 524 -5.55 -13.93 27.47
C SER A 524 -5.39 -14.78 28.72
N PHE A 525 -4.24 -15.43 28.92
CA PHE A 525 -4.08 -16.30 30.09
C PHE A 525 -2.93 -15.86 31.00
N PHE A 526 -1.74 -15.62 30.45
CA PHE A 526 -0.60 -15.30 31.29
C PHE A 526 -0.78 -14.04 32.13
N PRO A 527 -1.40 -12.97 31.66
CA PRO A 527 -1.70 -11.85 32.58
C PRO A 527 -2.58 -12.25 33.74
N LYS A 528 -3.41 -13.28 33.58
CA LYS A 528 -4.28 -13.77 34.65
C LYS A 528 -3.57 -14.78 35.55
N VAL A 529 -2.26 -14.91 35.45
CA VAL A 529 -1.51 -15.78 36.34
C VAL A 529 -0.69 -14.94 37.33
N ILE B 4 3.51 20.07 -34.36
CA ILE B 4 2.48 21.01 -34.78
C ILE B 4 1.85 21.63 -33.54
N ILE B 5 1.59 22.93 -33.61
CA ILE B 5 1.05 23.68 -32.49
C ILE B 5 -0.32 24.25 -32.88
N ILE B 6 -1.20 24.33 -31.88
CA ILE B 6 -2.53 24.89 -32.04
C ILE B 6 -2.83 25.74 -30.82
N ALA B 7 -4.05 26.28 -30.75
CA ALA B 7 -4.49 27.05 -29.59
C ALA B 7 -5.86 26.54 -29.14
N THR B 8 -6.00 26.33 -27.84
CA THR B 8 -7.28 26.00 -27.22
C THR B 8 -7.88 27.27 -26.62
N LYS B 9 -9.04 27.11 -25.97
CA LYS B 9 -9.71 28.25 -25.36
C LYS B 9 -9.15 28.63 -24.00
N ASN B 10 -8.20 27.86 -23.46
CA ASN B 10 -7.58 28.17 -22.18
C ASN B 10 -6.06 28.14 -22.27
N GLY B 11 -5.50 28.33 -23.45
CA GLY B 11 -4.08 28.25 -23.67
C GLY B 11 -3.80 27.49 -24.96
N LYS B 12 -2.53 27.22 -25.20
CA LYS B 12 -2.11 26.49 -26.38
C LYS B 12 -1.45 25.19 -25.97
N VAL B 13 -1.69 24.13 -26.74
CA VAL B 13 -1.05 22.86 -26.49
C VAL B 13 -0.07 22.61 -27.63
N ARG B 14 0.96 21.81 -27.35
CA ARG B 14 1.94 21.41 -28.35
C ARG B 14 1.93 19.89 -28.42
N GLY B 15 1.61 19.36 -29.61
CA GLY B 15 1.37 17.93 -29.74
C GLY B 15 2.44 17.15 -30.48
N MET B 16 2.46 15.84 -30.32
CA MET B 16 3.44 14.98 -30.97
C MET B 16 3.04 14.75 -32.43
N ASN B 17 3.83 13.98 -33.19
CA ASN B 17 3.34 13.39 -34.43
C ASN B 17 3.78 11.92 -34.44
N LEU B 18 2.88 11.06 -34.95
CA LEU B 18 3.02 9.60 -34.88
C LEU B 18 3.00 9.05 -36.31
N THR B 19 4.16 8.56 -36.77
CA THR B 19 4.29 7.95 -38.09
C THR B 19 3.75 6.53 -38.02
N VAL B 20 2.54 6.33 -38.50
CA VAL B 20 1.88 5.02 -38.50
C VAL B 20 1.30 4.75 -39.87
N PHE B 21 1.31 3.48 -40.27
CA PHE B 21 0.75 3.05 -41.55
C PHE B 21 1.38 3.79 -42.72
N GLY B 22 2.65 4.18 -42.58
CA GLY B 22 3.26 5.06 -43.56
C GLY B 22 2.87 6.51 -43.39
N GLY B 23 1.59 6.77 -43.19
CA GLY B 23 1.13 8.12 -42.90
C GLY B 23 1.53 8.57 -41.52
N THR B 24 0.98 9.71 -41.11
CA THR B 24 1.24 10.25 -39.78
C THR B 24 -0.06 10.74 -39.16
N VAL B 25 -0.10 10.72 -37.83
CA VAL B 25 -1.25 11.15 -37.06
C VAL B 25 -0.77 12.01 -35.90
N THR B 26 -1.48 13.10 -35.62
CA THR B 26 -1.07 14.05 -34.60
C THR B 26 -1.76 13.74 -33.28
N ALA B 27 -1.00 13.73 -32.20
CA ALA B 27 -1.51 13.40 -30.88
C ALA B 27 -1.21 14.53 -29.90
N PHE B 28 -2.07 14.66 -28.90
CA PHE B 28 -1.96 15.67 -27.85
C PHE B 28 -2.25 14.95 -26.54
N LEU B 29 -1.21 14.48 -25.86
CA LEU B 29 -1.35 13.63 -24.69
C LEU B 29 -1.11 14.44 -23.43
N GLY B 30 -2.13 14.50 -22.58
CA GLY B 30 -2.01 15.17 -21.30
C GLY B 30 -2.52 16.59 -21.25
N ILE B 31 -3.56 16.93 -22.00
CA ILE B 31 -4.13 18.28 -21.94
C ILE B 31 -4.93 18.43 -20.66
N PRO B 32 -4.74 19.50 -19.90
CA PRO B 32 -5.57 19.72 -18.70
C PRO B 32 -6.97 20.18 -19.10
N TYR B 33 -7.98 19.55 -18.49
CA TYR B 33 -9.37 19.96 -18.66
C TYR B 33 -10.03 20.32 -17.34
N ALA B 34 -9.28 20.31 -16.24
CA ALA B 34 -9.81 20.65 -14.93
C ALA B 34 -8.64 20.93 -14.00
N GLN B 35 -8.88 21.79 -13.01
CA GLN B 35 -7.85 22.06 -12.01
C GLN B 35 -7.64 20.82 -11.15
N PRO B 36 -6.41 20.53 -10.74
CA PRO B 36 -6.14 19.32 -9.95
C PRO B 36 -6.93 19.31 -8.66
N PRO B 37 -7.78 18.30 -8.45
CA PRO B 37 -8.54 18.23 -7.20
C PRO B 37 -7.68 17.80 -6.03
N LEU B 38 -6.66 18.61 -5.73
CA LEU B 38 -5.72 18.32 -4.65
C LEU B 38 -6.03 19.19 -3.44
N GLY B 39 -5.80 18.64 -2.26
CA GLY B 39 -6.02 19.37 -1.02
C GLY B 39 -7.47 19.71 -0.79
N ARG B 40 -7.80 21.01 -0.85
CA ARG B 40 -9.16 21.45 -0.56
C ARG B 40 -10.16 20.93 -1.58
N LEU B 41 -9.75 20.76 -2.84
CA LEU B 41 -10.65 20.47 -3.94
C LEU B 41 -10.93 18.98 -4.11
N ARG B 42 -10.36 18.11 -3.28
CA ARG B 42 -10.61 16.69 -3.39
C ARG B 42 -11.97 16.35 -2.79
N PHE B 43 -12.62 15.34 -3.37
CA PHE B 43 -13.96 14.84 -3.07
C PHE B 43 -15.03 15.78 -3.59
N LYS B 44 -14.66 16.94 -4.11
CA LYS B 44 -15.61 17.90 -4.66
C LYS B 44 -15.59 17.83 -6.18
N LYS B 45 -16.71 18.23 -6.79
CA LYS B 45 -16.87 18.26 -8.23
C LYS B 45 -15.71 19.02 -8.87
N PRO B 46 -15.31 18.66 -10.10
CA PRO B 46 -14.16 19.32 -10.72
C PRO B 46 -14.46 20.78 -11.03
N GLN B 47 -13.57 21.66 -10.62
CA GLN B 47 -13.71 23.08 -10.94
C GLN B 47 -13.12 23.36 -12.31
N SER B 48 -13.76 24.28 -13.03
CA SER B 48 -13.32 24.61 -14.38
C SER B 48 -11.90 25.17 -14.36
N LEU B 49 -11.20 24.97 -15.47
CA LEU B 49 -9.80 25.33 -15.57
C LEU B 49 -9.63 26.82 -15.87
N THR B 50 -8.42 27.32 -15.69
CA THR B 50 -8.07 28.71 -15.92
C THR B 50 -7.00 28.80 -17.00
N LYS B 51 -6.77 30.02 -17.47
CA LYS B 51 -5.72 30.26 -18.46
C LYS B 51 -4.36 29.95 -17.87
N TRP B 52 -3.46 29.45 -18.71
CA TRP B 52 -2.07 29.23 -18.32
C TRP B 52 -1.15 30.05 -19.22
N SER B 53 -0.29 30.85 -18.58
CA SER B 53 0.59 31.73 -19.33
C SER B 53 1.59 30.94 -20.17
N ASP B 54 2.00 29.77 -19.70
CA ASP B 54 2.89 28.92 -20.47
C ASP B 54 2.13 28.35 -21.67
N ILE B 55 2.82 27.51 -22.45
CA ILE B 55 2.21 26.77 -23.54
C ILE B 55 2.41 25.29 -23.23
N TRP B 56 1.32 24.63 -22.85
CA TRP B 56 1.40 23.23 -22.39
C TRP B 56 2.04 22.36 -23.45
N ASN B 57 2.94 21.48 -23.04
CA ASN B 57 3.46 20.48 -23.97
C ASN B 57 2.76 19.15 -23.68
N ALA B 58 1.85 18.81 -24.58
CA ALA B 58 1.08 17.57 -24.54
C ALA B 58 1.79 16.50 -25.36
N THR B 59 3.01 16.18 -24.92
CA THR B 59 3.87 15.24 -25.61
C THR B 59 4.15 14.00 -24.77
N LYS B 60 3.34 13.75 -23.74
CA LYS B 60 3.54 12.59 -22.88
C LYS B 60 2.25 12.28 -22.16
N TYR B 61 2.00 10.98 -21.95
CA TYR B 61 0.83 10.55 -21.19
C TYR B 61 0.88 11.13 -19.78
N ALA B 62 -0.24 11.70 -19.35
CA ALA B 62 -0.32 12.32 -18.03
C ALA B 62 -0.42 11.25 -16.95
N ASN B 63 -0.38 11.69 -15.70
CA ASN B 63 -0.49 10.77 -14.58
C ASN B 63 -1.87 10.15 -14.52
N SER B 64 -1.95 8.99 -13.88
CA SER B 64 -3.21 8.28 -13.69
C SER B 64 -3.72 8.51 -12.28
N CYS B 65 -5.05 8.51 -12.14
CA CYS B 65 -5.67 8.75 -10.83
C CYS B 65 -5.27 7.66 -9.84
N CYS B 66 -5.29 8.03 -8.56
CA CYS B 66 -4.88 7.12 -7.49
C CYS B 66 -5.79 5.90 -7.45
N GLN B 67 -5.19 4.72 -7.57
CA GLN B 67 -5.93 3.47 -7.59
C GLN B 67 -5.04 2.36 -7.05
N ASN B 68 -5.64 1.21 -6.81
CA ASN B 68 -4.94 0.06 -6.25
C ASN B 68 -4.57 -0.91 -7.36
N ILE B 69 -3.31 -1.33 -7.37
CA ILE B 69 -2.77 -2.13 -8.47
C ILE B 69 -3.25 -3.57 -8.35
N ASP B 70 -3.57 -4.17 -9.48
CA ASP B 70 -3.91 -5.59 -9.55
C ASP B 70 -2.62 -6.40 -9.47
N GLN B 71 -2.22 -6.75 -8.25
CA GLN B 71 -1.02 -7.54 -8.01
C GLN B 71 -1.35 -9.00 -7.68
N SER B 72 -2.44 -9.52 -8.24
CA SER B 72 -2.81 -10.91 -7.99
C SER B 72 -1.81 -11.87 -8.65
N PHE B 73 -1.36 -11.54 -9.85
CA PHE B 73 -0.43 -12.38 -10.62
C PHE B 73 0.78 -11.56 -11.01
N PRO B 74 1.76 -11.43 -10.13
CA PRO B 74 2.96 -10.65 -10.46
C PRO B 74 3.74 -11.29 -11.60
N GLY B 75 4.08 -10.47 -12.60
CA GLY B 75 4.79 -10.94 -13.76
C GLY B 75 3.91 -11.39 -14.91
N PHE B 76 2.63 -11.66 -14.64
CA PHE B 76 1.71 -12.11 -15.68
C PHE B 76 1.23 -10.91 -16.49
N HIS B 77 1.49 -10.93 -17.81
CA HIS B 77 1.10 -9.81 -18.66
C HIS B 77 -0.41 -9.62 -18.68
N GLY B 78 -1.18 -10.70 -18.49
CA GLY B 78 -2.63 -10.59 -18.59
C GLY B 78 -3.26 -9.82 -17.45
N SER B 79 -2.71 -9.97 -16.24
CA SER B 79 -3.26 -9.25 -15.08
C SER B 79 -2.81 -7.80 -15.05
N GLU B 80 -1.59 -7.54 -15.49
CA GLU B 80 -0.99 -6.21 -15.44
C GLU B 80 -1.12 -5.46 -16.77
N MET B 81 -1.78 -6.07 -17.76
CA MET B 81 -2.14 -5.35 -18.97
C MET B 81 -3.05 -4.17 -18.67
N TRP B 82 -3.82 -4.26 -17.59
CA TRP B 82 -4.75 -3.21 -17.19
C TRP B 82 -4.22 -2.35 -16.06
N ASN B 83 -3.01 -2.62 -15.56
CA ASN B 83 -2.41 -1.75 -14.56
C ASN B 83 -1.86 -0.49 -15.23
N PRO B 84 -1.95 0.67 -14.58
CA PRO B 84 -1.48 1.90 -15.20
C PRO B 84 0.00 1.86 -15.49
N ASN B 85 0.39 2.50 -16.60
CA ASN B 85 1.79 2.61 -17.00
C ASN B 85 2.43 3.91 -16.53
N THR B 86 1.65 4.87 -16.07
CA THR B 86 2.18 6.11 -15.53
C THR B 86 2.15 6.09 -14.00
N ASP B 87 2.80 7.08 -13.42
CA ASP B 87 2.84 7.21 -11.97
C ASP B 87 1.50 7.72 -11.46
N LEU B 88 1.09 7.21 -10.29
CA LEU B 88 -0.21 7.54 -9.73
C LEU B 88 -0.15 8.87 -8.97
N SER B 89 -1.18 9.70 -9.19
CA SER B 89 -1.29 10.98 -8.49
C SER B 89 -2.73 11.45 -8.62
N GLU B 90 -3.15 12.27 -7.66
CA GLU B 90 -4.48 12.86 -7.74
C GLU B 90 -4.58 13.93 -8.81
N ASP B 91 -3.45 14.54 -9.19
CA ASP B 91 -3.41 15.45 -10.33
C ASP B 91 -3.53 14.60 -11.59
N CYS B 92 -4.76 14.20 -11.90
CA CYS B 92 -4.96 13.22 -12.96
C CYS B 92 -6.04 13.59 -13.96
N LEU B 93 -6.69 14.75 -13.83
CA LEU B 93 -7.78 15.12 -14.72
C LEU B 93 -7.19 15.73 -16.00
N TYR B 94 -6.70 14.85 -16.86
CA TYR B 94 -6.18 15.22 -18.17
C TYR B 94 -6.85 14.37 -19.24
N LEU B 95 -6.66 14.76 -20.50
CA LEU B 95 -7.28 14.04 -21.61
C LEU B 95 -6.35 14.06 -22.81
N ASN B 96 -6.53 13.07 -23.69
CA ASN B 96 -5.69 12.89 -24.86
C ASN B 96 -6.53 12.94 -26.13
N VAL B 97 -6.00 13.58 -27.16
CA VAL B 97 -6.68 13.72 -28.45
C VAL B 97 -5.76 13.20 -29.54
N TRP B 98 -6.34 12.44 -30.49
CA TRP B 98 -5.63 11.96 -31.66
C TRP B 98 -6.31 12.52 -32.90
N ILE B 99 -5.52 13.13 -33.78
CA ILE B 99 -6.06 13.86 -34.93
C ILE B 99 -5.40 13.40 -36.22
N PRO B 100 -6.19 13.07 -37.25
CA PRO B 100 -5.59 12.62 -38.51
C PRO B 100 -4.87 13.75 -39.25
N ALA B 101 -3.94 13.36 -40.10
CA ALA B 101 -3.17 14.28 -40.92
C ALA B 101 -3.44 14.02 -42.40
N PRO B 102 -3.80 15.05 -43.19
CA PRO B 102 -3.93 16.43 -42.75
C PRO B 102 -5.16 16.67 -41.86
N LYS B 103 -5.17 17.80 -41.19
CA LYS B 103 -6.26 18.19 -40.29
C LYS B 103 -7.60 18.13 -41.02
N PRO B 104 -8.58 17.37 -40.53
CA PRO B 104 -9.83 17.20 -41.26
C PRO B 104 -10.73 18.43 -41.13
N LYS B 105 -11.82 18.40 -41.89
CA LYS B 105 -12.77 19.52 -41.91
C LYS B 105 -13.69 19.49 -40.70
N ASN B 106 -14.55 18.48 -40.64
CA ASN B 106 -15.56 18.33 -39.60
C ASN B 106 -15.64 16.87 -39.20
N ALA B 107 -14.46 16.26 -38.97
CA ALA B 107 -14.40 14.84 -38.68
C ALA B 107 -15.20 14.50 -37.43
N THR B 108 -15.86 13.34 -37.47
CA THR B 108 -16.65 12.88 -36.33
C THR B 108 -15.72 12.49 -35.18
N VAL B 109 -16.17 12.77 -33.96
CA VAL B 109 -15.37 12.58 -32.76
C VAL B 109 -15.89 11.37 -32.00
N LEU B 110 -14.97 10.58 -31.46
CA LEU B 110 -15.29 9.44 -30.62
C LEU B 110 -14.57 9.58 -29.30
N ILE B 111 -15.32 9.52 -28.19
CA ILE B 111 -14.76 9.72 -26.85
C ILE B 111 -14.78 8.39 -26.12
N TRP B 112 -13.62 7.97 -25.63
CA TRP B 112 -13.47 6.68 -24.98
C TRP B 112 -13.53 6.86 -23.46
N ILE B 113 -14.36 6.04 -22.82
CA ILE B 113 -14.48 6.01 -21.37
C ILE B 113 -13.93 4.66 -20.91
N TYR B 114 -12.83 4.68 -20.18
CA TYR B 114 -12.23 3.42 -19.77
C TYR B 114 -13.03 2.79 -18.63
N GLY B 115 -12.87 1.48 -18.49
CA GLY B 115 -13.55 0.71 -17.48
C GLY B 115 -12.68 0.48 -16.25
N GLY B 116 -13.00 -0.59 -15.52
CA GLY B 116 -12.25 -0.93 -14.33
C GLY B 116 -13.11 -0.98 -13.09
N GLY B 117 -14.41 -1.22 -13.27
CA GLY B 117 -15.32 -1.32 -12.14
C GLY B 117 -15.39 -0.07 -11.28
N PHE B 118 -15.15 1.10 -11.87
CA PHE B 118 -15.12 2.38 -11.18
C PHE B 118 -14.07 2.43 -10.07
N GLN B 119 -13.10 1.52 -10.10
CA GLN B 119 -12.03 1.48 -9.12
C GLN B 119 -10.64 1.55 -9.72
N THR B 120 -10.44 1.02 -10.93
CA THR B 120 -9.14 1.09 -11.59
C THR B 120 -9.29 1.67 -12.99
N GLY B 121 -8.21 1.61 -13.78
CA GLY B 121 -8.26 2.00 -15.16
C GLY B 121 -7.69 3.40 -15.39
N THR B 122 -7.25 3.63 -16.63
CA THR B 122 -6.72 4.91 -17.04
C THR B 122 -6.70 4.96 -18.57
N SER B 123 -6.59 6.19 -19.09
CA SER B 123 -6.49 6.40 -20.53
C SER B 123 -5.14 5.98 -21.09
N SER B 124 -4.17 5.73 -20.23
CA SER B 124 -2.78 5.54 -20.64
C SER B 124 -2.45 4.12 -21.06
N LEU B 125 -3.43 3.22 -21.07
CA LEU B 125 -3.16 1.83 -21.41
C LEU B 125 -2.89 1.68 -22.89
N HIS B 126 -2.04 0.70 -23.22
CA HIS B 126 -1.75 0.41 -24.62
C HIS B 126 -3.00 -0.06 -25.36
N VAL B 127 -3.92 -0.73 -24.66
CA VAL B 127 -5.15 -1.19 -25.29
C VAL B 127 -6.04 -0.02 -25.71
N TYR B 128 -5.83 1.17 -25.13
CA TYR B 128 -6.66 2.33 -25.41
C TYR B 128 -5.98 3.31 -26.35
N ASP B 129 -4.96 2.88 -27.08
CA ASP B 129 -4.26 3.78 -28.00
C ASP B 129 -5.15 4.07 -29.20
N GLY B 130 -5.52 5.32 -29.37
CA GLY B 130 -6.35 5.76 -30.47
C GLY B 130 -5.60 6.20 -31.71
N LYS B 131 -4.27 6.03 -31.74
CA LYS B 131 -3.50 6.49 -32.89
C LYS B 131 -3.81 5.69 -34.15
N PHE B 132 -4.39 4.50 -34.03
CA PHE B 132 -4.76 3.71 -35.20
C PHE B 132 -6.16 4.07 -35.69
N LEU B 133 -7.10 4.34 -34.78
CA LEU B 133 -8.45 4.69 -35.17
C LEU B 133 -8.49 5.99 -35.96
N ALA B 134 -7.64 6.95 -35.60
CA ALA B 134 -7.62 8.23 -36.29
C ALA B 134 -6.96 8.14 -37.66
N ARG B 135 -6.10 7.16 -37.89
CA ARG B 135 -5.38 7.08 -39.16
C ARG B 135 -6.22 6.40 -40.23
N VAL B 136 -6.87 5.29 -39.89
CA VAL B 136 -7.55 4.49 -40.91
C VAL B 136 -8.92 5.07 -41.24
N GLU B 137 -9.58 5.72 -40.28
CA GLU B 137 -10.92 6.23 -40.47
C GLU B 137 -10.98 7.75 -40.58
N ARG B 138 -9.87 8.43 -40.31
CA ARG B 138 -9.82 9.89 -40.33
C ARG B 138 -10.85 10.47 -39.36
N VAL B 139 -11.00 9.82 -38.22
CA VAL B 139 -11.86 10.30 -37.16
C VAL B 139 -10.97 10.86 -36.05
N ILE B 140 -11.60 11.53 -35.08
CA ILE B 140 -10.91 12.05 -33.91
C ILE B 140 -11.35 11.23 -32.72
N VAL B 141 -10.38 10.65 -32.00
CA VAL B 141 -10.64 9.88 -30.79
C VAL B 141 -10.06 10.65 -29.62
N VAL B 142 -10.88 10.87 -28.60
CA VAL B 142 -10.49 11.60 -27.40
C VAL B 142 -10.62 10.67 -26.22
N SER B 143 -9.52 10.49 -25.49
CA SER B 143 -9.55 9.69 -24.28
C SER B 143 -9.55 10.59 -23.06
N MET B 144 -9.99 10.04 -21.93
CA MET B 144 -10.21 10.81 -20.72
C MET B 144 -9.62 10.10 -19.51
N ASN B 145 -9.46 10.87 -18.44
CA ASN B 145 -9.11 10.34 -17.14
C ASN B 145 -10.08 10.91 -16.11
N TYR B 146 -10.77 10.04 -15.38
CA TYR B 146 -11.70 10.44 -14.36
C TYR B 146 -11.33 9.79 -13.03
N ARG B 147 -11.62 10.49 -11.94
CA ARG B 147 -11.38 9.94 -10.62
C ARG B 147 -12.20 8.67 -10.43
N VAL B 148 -11.60 7.68 -9.76
CA VAL B 148 -12.29 6.43 -9.44
C VAL B 148 -11.93 6.02 -8.02
N GLY B 149 -12.74 5.11 -7.48
CA GLY B 149 -12.61 4.73 -6.08
C GLY B 149 -13.28 5.74 -5.17
N ALA B 150 -12.84 5.75 -3.91
CA ALA B 150 -13.39 6.68 -2.94
C ALA B 150 -13.17 8.13 -3.36
N LEU B 151 -11.98 8.43 -3.88
CA LEU B 151 -11.68 9.79 -4.31
C LEU B 151 -12.48 10.23 -5.52
N GLY B 152 -13.27 9.35 -6.12
CA GLY B 152 -14.08 9.73 -7.26
C GLY B 152 -15.56 9.47 -7.08
N PHE B 153 -15.92 8.64 -6.10
CA PHE B 153 -17.31 8.25 -5.92
C PHE B 153 -17.70 8.16 -4.44
N LEU B 154 -17.01 8.89 -3.56
CA LEU B 154 -17.44 8.97 -2.18
C LEU B 154 -18.77 9.70 -2.11
N ALA B 155 -19.77 9.08 -1.51
CA ALA B 155 -21.16 9.53 -1.61
C ALA B 155 -21.68 9.91 -0.23
N LEU B 156 -21.83 11.21 0.00
CA LEU B 156 -22.63 11.75 1.10
C LEU B 156 -23.75 12.54 0.44
N PRO B 157 -24.90 11.92 0.15
CA PRO B 157 -25.92 12.56 -0.70
C PRO B 157 -26.40 13.87 -0.12
N GLY B 158 -26.20 14.94 -0.89
CA GLY B 158 -26.63 16.27 -0.49
C GLY B 158 -25.49 17.23 -0.22
N ASN B 159 -24.45 16.74 0.44
CA ASN B 159 -23.32 17.58 0.82
C ASN B 159 -22.43 17.83 -0.39
N PRO B 160 -22.23 19.08 -0.81
CA PRO B 160 -21.33 19.34 -1.96
C PRO B 160 -19.87 19.09 -1.65
N GLU B 161 -19.50 18.84 -0.39
CA GLU B 161 -18.11 18.51 -0.07
C GLU B 161 -17.74 17.13 -0.59
N ALA B 162 -18.71 16.21 -0.65
CA ALA B 162 -18.52 14.91 -1.27
C ALA B 162 -19.87 14.44 -1.77
N PRO B 163 -20.34 14.99 -2.89
CA PRO B 163 -21.72 14.74 -3.34
C PRO B 163 -21.90 13.43 -4.08
N GLY B 164 -20.84 12.68 -4.31
CA GLY B 164 -20.95 11.47 -5.11
C GLY B 164 -20.92 11.76 -6.59
N ASN B 165 -20.43 10.80 -7.38
CA ASN B 165 -20.41 10.85 -8.84
C ASN B 165 -19.45 11.91 -9.38
N MET B 166 -18.46 12.32 -8.60
CA MET B 166 -17.47 13.26 -9.11
C MET B 166 -16.70 12.67 -10.28
N GLY B 167 -16.43 11.36 -10.22
CA GLY B 167 -15.86 10.69 -11.37
C GLY B 167 -16.71 10.85 -12.62
N LEU B 168 -18.03 10.77 -12.47
CA LEU B 168 -18.92 10.98 -13.60
C LEU B 168 -18.91 12.43 -14.06
N PHE B 169 -18.79 13.37 -13.11
CA PHE B 169 -18.65 14.77 -13.50
C PHE B 169 -17.31 15.04 -14.15
N ASP B 170 -16.26 14.31 -13.76
CA ASP B 170 -14.99 14.40 -14.47
C ASP B 170 -15.16 14.02 -15.93
N GLN B 171 -15.97 13.01 -16.21
CA GLN B 171 -16.28 12.66 -17.60
C GLN B 171 -17.06 13.77 -18.27
N GLN B 172 -18.11 14.26 -17.60
CA GLN B 172 -18.96 15.30 -18.19
C GLN B 172 -18.17 16.56 -18.48
N LEU B 173 -17.24 16.92 -17.59
CA LEU B 173 -16.40 18.08 -17.85
C LEU B 173 -15.44 17.82 -19.01
N ALA B 174 -15.02 16.58 -19.19
CA ALA B 174 -14.17 16.24 -20.33
C ALA B 174 -14.93 16.31 -21.64
N LEU B 175 -16.22 15.97 -21.62
CA LEU B 175 -17.03 16.13 -22.83
C LEU B 175 -17.29 17.60 -23.12
N GLN B 176 -17.57 18.39 -22.07
CA GLN B 176 -17.75 19.82 -22.25
C GLN B 176 -16.48 20.49 -22.78
N TRP B 177 -15.31 19.95 -22.43
CA TRP B 177 -14.06 20.44 -23.00
C TRP B 177 -14.02 20.19 -24.50
N VAL B 178 -14.57 19.07 -24.95
CA VAL B 178 -14.50 18.72 -26.37
C VAL B 178 -15.35 19.67 -27.20
N GLN B 179 -16.60 19.88 -26.80
CA GLN B 179 -17.50 20.71 -27.59
C GLN B 179 -17.10 22.18 -27.62
N LYS B 180 -16.16 22.59 -26.78
CA LYS B 180 -15.66 23.97 -26.81
C LYS B 180 -14.22 24.08 -27.29
N ASN B 181 -13.59 22.97 -27.66
CA ASN B 181 -12.22 23.03 -28.15
C ASN B 181 -12.03 22.22 -29.43
N ILE B 182 -12.77 21.11 -29.58
CA ILE B 182 -12.52 20.20 -30.70
C ILE B 182 -12.82 20.83 -32.05
N ALA B 183 -13.60 21.93 -32.08
CA ALA B 183 -13.81 22.64 -33.34
C ALA B 183 -12.51 23.24 -33.84
N ALA B 184 -11.74 23.85 -32.95
CA ALA B 184 -10.41 24.34 -33.32
C ALA B 184 -9.46 23.21 -33.66
N PHE B 185 -9.73 21.99 -33.19
CA PHE B 185 -8.90 20.85 -33.49
C PHE B 185 -9.23 20.23 -34.84
N GLY B 186 -10.44 20.44 -35.35
CA GLY B 186 -10.82 19.92 -36.66
C GLY B 186 -11.94 18.90 -36.60
N GLY B 187 -12.85 19.04 -35.65
CA GLY B 187 -13.94 18.10 -35.49
C GLY B 187 -15.25 18.81 -35.24
N ASN B 188 -16.33 18.13 -35.59
CA ASN B 188 -17.67 18.67 -35.35
C ASN B 188 -18.05 18.50 -33.89
N PRO B 189 -18.30 19.58 -33.15
CA PRO B 189 -18.70 19.42 -31.74
C PRO B 189 -20.08 18.82 -31.58
N LYS B 190 -20.98 19.01 -32.55
CA LYS B 190 -22.35 18.52 -32.45
C LYS B 190 -22.52 17.12 -33.02
N SER B 191 -21.42 16.46 -33.41
CA SER B 191 -21.44 15.05 -33.83
C SER B 191 -20.35 14.34 -33.05
N VAL B 192 -20.68 13.92 -31.83
CA VAL B 192 -19.74 13.28 -30.92
C VAL B 192 -20.37 11.98 -30.42
N THR B 193 -19.61 10.90 -30.49
CA THR B 193 -20.08 9.58 -30.11
C THR B 193 -19.30 9.08 -28.90
N LEU B 194 -20.02 8.51 -27.94
CA LEU B 194 -19.43 7.98 -26.72
C LEU B 194 -19.38 6.47 -26.77
N PHE B 195 -18.19 5.90 -26.51
CA PHE B 195 -18.07 4.45 -26.40
C PHE B 195 -17.18 4.10 -25.22
N GLY B 196 -17.64 3.15 -24.42
CA GLY B 196 -16.92 2.71 -23.23
C GLY B 196 -16.97 1.20 -23.09
N GLU B 197 -16.54 0.67 -21.94
CA GLU B 197 -16.44 -0.78 -21.77
C GLU B 197 -16.55 -1.12 -20.28
N SER B 198 -17.70 -1.67 -19.90
CA SER B 198 -17.91 -2.38 -18.63
C SER B 198 -17.90 -1.47 -17.41
N ALA B 199 -17.38 -0.28 -17.55
CA ALA B 199 -17.63 0.81 -16.60
C ALA B 199 -17.82 2.15 -17.29
N GLY B 200 -17.26 2.34 -18.48
CA GLY B 200 -17.61 3.45 -19.33
C GLY B 200 -18.90 3.15 -20.05
N ALA B 201 -19.08 1.87 -20.41
CA ALA B 201 -20.38 1.44 -20.93
C ALA B 201 -21.48 1.73 -19.92
N ALA B 202 -21.21 1.50 -18.64
CA ALA B 202 -22.14 1.93 -17.60
C ALA B 202 -22.11 3.43 -17.41
N SER B 203 -20.98 4.08 -17.72
CA SER B 203 -20.89 5.53 -17.61
C SER B 203 -21.58 6.20 -18.80
N VAL B 204 -21.30 5.72 -20.02
CA VAL B 204 -22.01 6.23 -21.19
C VAL B 204 -23.51 6.00 -21.03
N SER B 205 -23.89 4.81 -20.55
CA SER B 205 -25.30 4.55 -20.23
C SER B 205 -25.85 5.57 -19.25
N LEU B 206 -25.01 6.07 -18.34
CA LEU B 206 -25.47 7.06 -17.38
C LEU B 206 -25.55 8.45 -17.99
N HIS B 207 -24.67 8.77 -18.95
CA HIS B 207 -24.74 10.05 -19.64
C HIS B 207 -26.00 10.17 -20.48
N LEU B 208 -26.62 9.05 -20.84
CA LEU B 208 -27.92 9.11 -21.51
C LEU B 208 -29.03 9.55 -20.56
N LEU B 209 -28.84 9.39 -19.25
CA LEU B 209 -29.85 9.71 -18.26
C LEU B 209 -29.69 11.11 -17.68
N SER B 210 -28.45 11.55 -17.47
CA SER B 210 -28.22 12.87 -16.88
C SER B 210 -28.68 13.97 -17.83
N PRO B 211 -29.56 14.87 -17.39
CA PRO B 211 -29.90 16.03 -18.23
C PRO B 211 -28.73 16.96 -18.46
N GLY B 212 -27.71 16.92 -17.59
CA GLY B 212 -26.57 17.81 -17.75
C GLY B 212 -25.72 17.49 -18.96
N SER B 213 -25.61 16.21 -19.33
CA SER B 213 -24.80 15.78 -20.45
C SER B 213 -25.60 15.54 -21.72
N HIS B 214 -26.90 15.86 -21.72
CA HIS B 214 -27.70 15.74 -22.93
C HIS B 214 -27.12 16.53 -24.10
N SER B 215 -26.34 17.57 -23.82
CA SER B 215 -25.85 18.49 -24.84
C SER B 215 -24.40 18.26 -25.22
N LEU B 216 -23.75 17.22 -24.69
CA LEU B 216 -22.32 17.04 -24.92
C LEU B 216 -21.99 15.95 -25.93
N PHE B 217 -22.95 15.10 -26.31
CA PHE B 217 -22.68 14.04 -27.26
C PHE B 217 -23.91 13.77 -28.12
N THR B 218 -23.71 12.99 -29.17
CA THR B 218 -24.76 12.69 -30.14
C THR B 218 -25.33 11.29 -29.95
N ARG B 219 -24.48 10.26 -30.00
CA ARG B 219 -24.93 8.89 -29.85
C ARG B 219 -23.96 8.12 -28.96
N ALA B 220 -24.31 6.87 -28.66
CA ALA B 220 -23.64 6.08 -27.64
C ALA B 220 -23.26 4.71 -28.17
N ILE B 221 -22.25 4.12 -27.54
CA ILE B 221 -21.80 2.76 -27.85
C ILE B 221 -21.46 2.07 -26.54
N LEU B 222 -22.25 1.07 -26.16
CA LEU B 222 -22.05 0.33 -24.92
C LEU B 222 -21.40 -1.01 -25.23
N GLN B 223 -20.31 -1.32 -24.53
CA GLN B 223 -19.59 -2.57 -24.74
C GLN B 223 -19.50 -3.31 -23.42
N SER B 224 -20.35 -4.33 -23.25
CA SER B 224 -20.34 -5.22 -22.09
C SER B 224 -20.59 -4.44 -20.79
N GLY B 225 -21.62 -3.61 -20.80
CA GLY B 225 -21.93 -2.82 -19.63
C GLY B 225 -23.15 -1.95 -19.86
N SER B 226 -23.82 -1.65 -18.75
CA SER B 226 -25.08 -0.91 -18.75
C SER B 226 -25.32 -0.40 -17.34
N PHE B 227 -26.20 0.59 -17.21
CA PHE B 227 -26.52 1.07 -15.87
C PHE B 227 -27.47 0.14 -15.13
N ASN B 228 -28.24 -0.68 -15.84
CA ASN B 228 -29.16 -1.61 -15.18
C ASN B 228 -28.46 -2.88 -14.73
N ALA B 229 -27.14 -2.97 -14.88
CA ALA B 229 -26.41 -4.10 -14.32
C ALA B 229 -26.49 -4.07 -12.79
N PRO B 230 -26.50 -5.24 -12.15
CA PRO B 230 -26.66 -5.27 -10.68
C PRO B 230 -25.51 -4.62 -9.93
N TRP B 231 -24.33 -4.51 -10.54
CA TRP B 231 -23.18 -3.89 -9.91
C TRP B 231 -23.01 -2.42 -10.28
N ALA B 232 -23.82 -1.91 -11.20
CA ALA B 232 -23.58 -0.57 -11.74
C ALA B 232 -23.82 0.51 -10.70
N VAL B 233 -25.02 0.57 -10.15
CA VAL B 233 -25.44 1.66 -9.28
C VAL B 233 -25.70 1.12 -7.88
N THR B 234 -25.16 1.80 -6.88
CA THR B 234 -25.40 1.48 -5.48
C THR B 234 -26.51 2.36 -4.94
N SER B 235 -27.37 1.79 -4.12
CA SER B 235 -28.45 2.56 -3.50
C SER B 235 -27.87 3.60 -2.55
N LEU B 236 -28.61 4.71 -2.38
CA LEU B 236 -28.14 5.77 -1.51
C LEU B 236 -28.04 5.33 -0.05
N TYR B 237 -28.78 4.30 0.34
CA TYR B 237 -28.64 3.77 1.70
C TYR B 237 -27.24 3.23 1.91
N GLU B 238 -26.89 2.14 1.22
CA GLU B 238 -25.61 1.50 1.46
C GLU B 238 -24.44 2.38 1.03
N ALA B 239 -24.63 3.20 -0.02
CA ALA B 239 -23.56 4.09 -0.45
C ALA B 239 -23.13 5.03 0.66
N ARG B 240 -24.05 5.39 1.57
CA ARG B 240 -23.67 6.21 2.71
C ARG B 240 -23.06 5.37 3.83
N ASN B 241 -23.35 4.07 3.88
CA ASN B 241 -22.66 3.20 4.83
C ASN B 241 -21.19 3.05 4.44
N ARG B 242 -20.93 2.72 3.16
CA ARG B 242 -19.55 2.60 2.69
C ARG B 242 -18.75 3.87 2.97
N THR B 243 -19.41 5.02 2.96
CA THR B 243 -18.75 6.26 3.36
C THR B 243 -18.39 6.23 4.84
N LEU B 244 -19.34 5.86 5.70
CA LEU B 244 -19.08 5.82 7.13
C LEU B 244 -18.19 4.64 7.51
N ASN B 245 -18.30 3.52 6.78
CA ASN B 245 -17.38 2.41 7.01
C ASN B 245 -15.95 2.82 6.73
N LEU B 246 -15.74 3.62 5.67
CA LEU B 246 -14.41 4.15 5.38
C LEU B 246 -13.94 5.09 6.48
N ALA B 247 -14.86 5.69 7.24
CA ALA B 247 -14.47 6.63 8.28
C ALA B 247 -13.80 5.92 9.45
N LYS B 248 -14.46 4.91 10.02
CA LYS B 248 -13.88 4.21 11.15
C LYS B 248 -12.65 3.39 10.75
N LEU B 249 -12.61 2.91 9.51
CA LEU B 249 -11.41 2.24 9.02
C LEU B 249 -10.22 3.18 8.96
N THR B 250 -10.46 4.48 8.83
CA THR B 250 -9.42 5.49 8.85
C THR B 250 -9.41 6.29 10.15
N GLY B 251 -10.07 5.80 11.18
CA GLY B 251 -10.13 6.50 12.46
C GLY B 251 -10.69 7.90 12.33
N CYS B 252 -11.93 8.02 11.85
CA CYS B 252 -12.46 9.32 11.51
C CYS B 252 -13.95 9.48 11.83
N SER B 253 -14.49 8.69 12.75
CA SER B 253 -15.91 8.74 13.06
C SER B 253 -16.18 9.93 13.98
N ARG B 254 -16.81 10.98 13.44
CA ARG B 254 -17.08 12.21 14.17
C ARG B 254 -18.52 12.63 13.92
N GLU B 255 -18.94 13.72 14.59
CA GLU B 255 -20.34 14.13 14.67
C GLU B 255 -20.95 14.49 13.33
N ASN B 256 -20.47 15.59 12.79
CA ASN B 256 -20.91 16.23 11.56
C ASN B 256 -20.19 15.57 10.38
N GLU B 257 -20.81 15.63 9.19
CA GLU B 257 -20.10 15.15 8.02
C GLU B 257 -19.10 16.17 7.51
N THR B 258 -19.25 17.42 7.92
CA THR B 258 -18.23 18.43 7.65
C THR B 258 -16.89 18.05 8.28
N GLU B 259 -16.92 17.54 9.52
CA GLU B 259 -15.70 17.13 10.19
C GLU B 259 -15.20 15.78 9.67
N ILE B 260 -16.11 14.90 9.26
CA ILE B 260 -15.70 13.61 8.73
C ILE B 260 -14.94 13.77 7.43
N ILE B 261 -15.41 14.67 6.55
CA ILE B 261 -14.69 14.91 5.32
C ILE B 261 -13.42 15.73 5.55
N LYS B 262 -13.37 16.51 6.65
CA LYS B 262 -12.17 17.29 6.93
C LYS B 262 -10.97 16.38 7.17
N CYS B 263 -11.10 15.41 8.08
CA CYS B 263 -10.01 14.49 8.35
C CYS B 263 -9.73 13.60 7.15
N LEU B 264 -10.78 13.15 6.45
CA LEU B 264 -10.57 12.36 5.24
C LEU B 264 -9.83 13.15 4.16
N ARG B 265 -10.07 14.45 4.10
CA ARG B 265 -9.36 15.31 3.16
C ARG B 265 -7.93 15.59 3.60
N ASN B 266 -7.62 15.39 4.88
CA ASN B 266 -6.29 15.64 5.39
C ASN B 266 -5.38 14.40 5.36
N LYS B 267 -5.96 13.21 5.21
CA LYS B 267 -5.19 11.99 5.25
C LYS B 267 -4.62 11.66 3.88
N ASP B 268 -3.41 11.12 3.87
CA ASP B 268 -2.70 10.86 2.62
C ASP B 268 -3.43 9.82 1.79
N PRO B 269 -3.26 9.85 0.45
CA PRO B 269 -4.16 9.08 -0.42
C PRO B 269 -4.15 7.57 -0.20
N GLN B 270 -2.99 6.97 0.07
CA GLN B 270 -2.97 5.51 0.15
C GLN B 270 -3.60 5.02 1.45
N GLU B 271 -3.72 5.87 2.47
CA GLU B 271 -4.51 5.50 3.63
C GLU B 271 -6.00 5.43 3.31
N ILE B 272 -6.45 6.17 2.29
CA ILE B 272 -7.82 6.01 1.83
C ILE B 272 -7.93 4.83 0.86
N LEU B 273 -6.93 4.67 -0.01
CA LEU B 273 -6.98 3.63 -1.04
C LEU B 273 -6.92 2.24 -0.41
N LEU B 274 -5.97 2.01 0.50
CA LEU B 274 -5.74 0.68 1.05
C LEU B 274 -6.88 0.18 1.92
N ASN B 275 -7.90 1.00 2.19
CA ASN B 275 -9.00 0.59 3.05
C ASN B 275 -10.31 0.41 2.31
N GLU B 276 -10.34 0.64 1.00
CA GLU B 276 -11.59 0.53 0.24
C GLU B 276 -12.03 -0.91 0.02
N ALA B 277 -11.20 -1.90 0.37
CA ALA B 277 -11.60 -3.29 0.23
C ALA B 277 -12.45 -3.78 1.40
N PHE B 278 -12.63 -2.95 2.43
CA PHE B 278 -13.32 -3.35 3.64
C PHE B 278 -14.64 -2.62 3.83
N VAL B 279 -15.02 -1.73 2.91
CA VAL B 279 -16.26 -0.98 3.06
C VAL B 279 -17.48 -1.87 2.85
N VAL B 280 -17.34 -2.96 2.13
CA VAL B 280 -18.42 -3.92 1.87
C VAL B 280 -18.15 -5.16 2.71
N PRO B 281 -19.03 -5.52 3.65
CA PRO B 281 -18.79 -6.74 4.43
C PRO B 281 -18.88 -8.00 3.58
N TYR B 282 -19.83 -8.07 2.66
CA TYR B 282 -20.02 -9.23 1.79
C TYR B 282 -19.42 -8.91 0.42
N GLY B 283 -18.10 -9.08 0.32
CA GLY B 283 -17.38 -8.73 -0.88
C GLY B 283 -17.36 -9.81 -1.95
N THR B 284 -17.93 -9.49 -3.08
CA THR B 284 -18.08 -10.13 -4.38
C THR B 284 -16.86 -9.81 -5.24
N PRO B 285 -16.41 -10.71 -6.12
CA PRO B 285 -15.37 -10.31 -7.09
C PRO B 285 -15.80 -9.17 -8.01
N LEU B 286 -17.09 -8.88 -8.07
CA LEU B 286 -17.66 -7.76 -8.82
C LEU B 286 -18.19 -6.67 -7.89
N SER B 287 -17.77 -6.66 -6.62
CA SER B 287 -18.26 -5.68 -5.67
C SER B 287 -17.70 -4.30 -6.02
N VAL B 288 -18.58 -3.36 -6.32
CA VAL B 288 -18.19 -1.98 -6.58
C VAL B 288 -18.18 -1.26 -5.24
N ASN B 289 -16.97 -0.98 -4.73
CA ASN B 289 -16.83 -0.36 -3.42
C ASN B 289 -17.42 1.06 -3.42
N PHE B 290 -17.03 1.87 -4.41
CA PHE B 290 -17.57 3.21 -4.56
C PHE B 290 -17.84 3.45 -6.04
N GLY B 291 -19.11 3.52 -6.41
CA GLY B 291 -19.49 3.74 -7.79
C GLY B 291 -20.56 4.81 -7.92
N PRO B 292 -21.33 4.74 -9.01
CA PRO B 292 -22.42 5.71 -9.20
C PRO B 292 -23.42 5.68 -8.04
N THR B 293 -24.02 6.84 -7.80
CA THR B 293 -24.96 7.03 -6.71
C THR B 293 -26.13 7.86 -7.24
N VAL B 294 -27.25 7.80 -6.52
CA VAL B 294 -28.40 8.66 -6.82
C VAL B 294 -28.19 9.93 -5.99
N ASP B 295 -27.44 10.87 -6.57
CA ASP B 295 -27.01 12.06 -5.84
C ASP B 295 -28.00 13.22 -5.94
N GLY B 296 -28.86 13.22 -6.94
CA GLY B 296 -29.77 14.32 -7.17
C GLY B 296 -29.29 15.36 -8.15
N ASP B 297 -28.01 15.33 -8.52
CA ASP B 297 -27.45 16.25 -9.50
C ASP B 297 -27.20 15.58 -10.83
N PHE B 298 -26.40 14.50 -10.85
CA PHE B 298 -26.15 13.77 -12.08
C PHE B 298 -27.32 12.85 -12.43
N LEU B 299 -27.87 12.17 -11.43
CA LEU B 299 -29.01 11.30 -11.61
C LEU B 299 -30.15 11.78 -10.72
N THR B 300 -31.25 12.21 -11.34
CA THR B 300 -32.39 12.70 -10.58
C THR B 300 -32.87 11.66 -9.57
N ASP B 301 -32.96 10.40 -10.01
CA ASP B 301 -33.41 9.31 -9.16
C ASP B 301 -32.66 8.05 -9.60
N MET B 302 -33.15 6.89 -9.18
CA MET B 302 -32.49 5.64 -9.53
C MET B 302 -32.64 5.38 -11.04
N PRO B 303 -31.61 4.84 -11.67
CA PRO B 303 -31.63 4.75 -13.15
C PRO B 303 -32.72 3.87 -13.73
N ASP B 304 -33.10 2.79 -13.04
CA ASP B 304 -34.14 1.93 -13.57
C ASP B 304 -35.46 2.66 -13.71
N ILE B 305 -35.73 3.62 -12.83
CA ILE B 305 -36.98 4.37 -12.91
C ILE B 305 -36.93 5.45 -14.00
N LEU B 306 -35.73 5.90 -14.39
CA LEU B 306 -35.63 6.86 -15.47
C LEU B 306 -35.77 6.18 -16.83
N LEU B 307 -35.28 4.94 -16.94
CA LEU B 307 -35.43 4.20 -18.19
C LEU B 307 -36.88 3.83 -18.44
N GLU B 308 -37.62 3.46 -17.38
CA GLU B 308 -39.01 3.09 -17.55
C GLU B 308 -39.91 4.31 -17.74
N LEU B 309 -39.56 5.44 -17.13
CA LEU B 309 -40.39 6.64 -17.28
C LEU B 309 -40.14 7.33 -18.61
N GLY B 310 -38.90 7.40 -19.05
CA GLY B 310 -38.56 7.92 -20.35
C GLY B 310 -37.92 9.29 -20.41
N GLN B 311 -37.27 9.75 -19.34
CA GLN B 311 -36.53 11.01 -19.36
C GLN B 311 -35.05 10.68 -19.57
N PHE B 312 -34.69 10.45 -20.82
CA PHE B 312 -33.31 10.21 -21.20
C PHE B 312 -33.10 10.74 -22.61
N LYS B 313 -31.82 10.87 -22.99
CA LYS B 313 -31.49 11.32 -24.33
C LYS B 313 -31.88 10.25 -25.34
N LYS B 314 -32.77 10.60 -26.27
CA LYS B 314 -33.25 9.67 -27.28
C LYS B 314 -32.37 9.78 -28.52
N THR B 315 -31.58 8.75 -28.78
CA THR B 315 -30.65 8.72 -29.90
C THR B 315 -30.34 7.27 -30.24
N GLN B 316 -29.32 7.07 -31.08
CA GLN B 316 -28.88 5.74 -31.46
C GLN B 316 -27.86 5.22 -30.46
N ILE B 317 -27.89 3.90 -30.24
CA ILE B 317 -26.94 3.22 -29.37
C ILE B 317 -26.38 2.02 -30.14
N LEU B 318 -25.24 1.53 -29.67
CA LEU B 318 -24.64 0.31 -30.20
C LEU B 318 -24.11 -0.48 -29.01
N VAL B 319 -24.84 -1.53 -28.66
CA VAL B 319 -24.57 -2.34 -27.47
C VAL B 319 -24.09 -3.71 -27.92
N GLY B 320 -23.39 -4.40 -27.03
CA GLY B 320 -23.00 -5.75 -27.30
C GLY B 320 -22.12 -6.28 -26.18
N VAL B 321 -22.10 -7.61 -26.07
CA VAL B 321 -21.29 -8.31 -25.11
C VAL B 321 -20.57 -9.45 -25.83
N ASN B 322 -19.74 -10.17 -25.08
CA ASN B 322 -19.01 -11.32 -25.61
C ASN B 322 -19.51 -12.59 -24.91
N LYS B 323 -19.20 -13.74 -25.50
CA LYS B 323 -19.83 -14.98 -25.09
C LYS B 323 -19.30 -15.55 -23.78
N ASP B 324 -18.19 -15.02 -23.26
CA ASP B 324 -17.62 -15.49 -21.99
C ASP B 324 -17.31 -14.30 -21.07
N GLU B 325 -18.30 -13.43 -20.87
CA GLU B 325 -18.10 -12.25 -20.04
C GLU B 325 -17.76 -12.60 -18.60
N GLY B 326 -18.27 -13.72 -18.10
CA GLY B 326 -18.19 -14.00 -16.68
C GLY B 326 -16.96 -14.74 -16.19
N THR B 327 -16.24 -15.39 -17.10
CA THR B 327 -15.12 -16.24 -16.68
C THR B 327 -13.91 -15.45 -16.19
N ALA B 328 -13.87 -14.14 -16.41
CA ALA B 328 -12.73 -13.34 -15.95
C ALA B 328 -12.73 -13.15 -14.44
N PHE B 329 -13.88 -13.32 -13.78
CA PHE B 329 -14.02 -13.10 -12.35
C PHE B 329 -13.91 -14.38 -11.53
N LEU B 330 -13.81 -15.54 -12.17
CA LEU B 330 -13.79 -16.80 -11.45
C LEU B 330 -12.45 -17.10 -10.80
N VAL B 331 -11.37 -16.48 -11.28
CA VAL B 331 -10.04 -16.77 -10.75
C VAL B 331 -9.68 -15.76 -9.68
N TYR B 332 -10.69 -15.04 -9.17
CA TYR B 332 -10.48 -14.01 -8.15
C TYR B 332 -11.27 -14.31 -6.88
N GLY B 333 -11.41 -15.59 -6.53
CA GLY B 333 -12.08 -15.95 -5.29
C GLY B 333 -12.92 -17.21 -5.36
N ALA B 334 -13.34 -17.61 -6.56
CA ALA B 334 -14.15 -18.81 -6.69
C ALA B 334 -13.28 -20.04 -6.45
N PRO B 335 -13.67 -20.93 -5.55
CA PRO B 335 -12.83 -22.10 -5.26
C PRO B 335 -12.81 -23.08 -6.42
N GLY B 336 -11.64 -23.69 -6.64
CA GLY B 336 -11.43 -24.64 -7.71
C GLY B 336 -10.96 -24.02 -9.01
N PHE B 337 -11.34 -22.78 -9.28
CA PHE B 337 -10.92 -22.11 -10.50
C PHE B 337 -9.55 -21.48 -10.31
N SER B 338 -8.72 -21.59 -11.35
CA SER B 338 -7.39 -20.99 -11.31
C SER B 338 -6.89 -20.78 -12.72
N LYS B 339 -5.88 -19.92 -12.84
CA LYS B 339 -5.32 -19.55 -14.14
C LYS B 339 -4.38 -20.61 -14.69
N ASP B 340 -3.76 -21.42 -13.85
CA ASP B 340 -2.72 -22.35 -14.28
C ASP B 340 -3.23 -23.76 -14.47
N ASN B 341 -4.54 -23.95 -14.46
CA ASN B 341 -5.13 -25.26 -14.31
C ASN B 341 -6.40 -25.31 -15.15
N ASN B 342 -6.66 -26.46 -15.77
CA ASN B 342 -7.96 -26.73 -16.37
C ASN B 342 -8.96 -26.77 -15.22
N SER B 343 -9.81 -25.76 -15.10
CA SER B 343 -10.53 -25.57 -13.84
C SER B 343 -11.81 -26.41 -13.83
N ILE B 344 -11.61 -27.72 -13.78
CA ILE B 344 -12.73 -28.65 -13.63
C ILE B 344 -13.22 -28.58 -12.19
N ILE B 345 -14.51 -28.32 -12.01
CA ILE B 345 -15.11 -28.23 -10.69
C ILE B 345 -16.20 -29.28 -10.55
N THR B 346 -16.46 -29.68 -9.31
CA THR B 346 -17.53 -30.62 -9.01
C THR B 346 -18.85 -29.85 -8.97
N ARG B 347 -19.92 -30.53 -8.56
CA ARG B 347 -21.18 -29.83 -8.29
C ARG B 347 -21.07 -29.00 -7.02
N LYS B 348 -20.34 -29.51 -6.02
CA LYS B 348 -20.20 -28.78 -4.77
C LYS B 348 -19.35 -27.52 -4.96
N GLU B 349 -18.23 -27.64 -5.68
CA GLU B 349 -17.44 -26.46 -6.00
C GLU B 349 -18.22 -25.46 -6.85
N PHE B 350 -19.28 -25.91 -7.52
CA PHE B 350 -20.16 -24.99 -8.22
C PHE B 350 -21.09 -24.26 -7.25
N GLN B 351 -21.56 -24.96 -6.22
CA GLN B 351 -22.40 -24.31 -5.21
C GLN B 351 -21.58 -23.36 -4.36
N GLU B 352 -20.35 -23.73 -4.02
CA GLU B 352 -19.48 -22.82 -3.28
C GLU B 352 -19.21 -21.56 -4.10
N GLY B 353 -19.03 -21.71 -5.41
CA GLY B 353 -18.85 -20.55 -6.25
C GLY B 353 -20.08 -19.66 -6.30
N LEU B 354 -21.27 -20.24 -6.22
CA LEU B 354 -22.49 -19.44 -6.21
C LEU B 354 -22.57 -18.59 -4.96
N LYS B 355 -22.18 -19.14 -3.81
CA LYS B 355 -22.21 -18.37 -2.57
C LYS B 355 -21.22 -17.21 -2.60
N ILE B 356 -20.15 -17.32 -3.38
CA ILE B 356 -19.18 -16.23 -3.46
C ILE B 356 -19.74 -15.08 -4.31
N PHE B 357 -20.48 -15.40 -5.37
CA PHE B 357 -21.07 -14.38 -6.23
C PHE B 357 -22.48 -13.97 -5.83
N PHE B 358 -23.17 -14.79 -5.05
CA PHE B 358 -24.53 -14.49 -4.57
C PHE B 358 -24.58 -14.71 -3.07
N PRO B 359 -24.03 -13.79 -2.27
CA PRO B 359 -23.93 -14.04 -0.83
C PRO B 359 -25.25 -13.88 -0.09
N GLY B 360 -26.05 -12.90 -0.46
CA GLY B 360 -27.25 -12.58 0.29
C GLY B 360 -28.52 -13.24 -0.15
N VAL B 361 -28.52 -13.95 -1.28
CA VAL B 361 -29.73 -14.55 -1.80
C VAL B 361 -29.99 -15.89 -1.11
N SER B 362 -31.19 -16.44 -1.31
CA SER B 362 -31.66 -17.60 -0.58
C SER B 362 -30.78 -18.82 -0.85
N GLU B 363 -30.94 -19.83 -0.01
CA GLU B 363 -30.48 -21.16 -0.38
C GLU B 363 -31.43 -21.77 -1.42
N PHE B 364 -32.74 -21.62 -1.20
CA PHE B 364 -33.71 -22.02 -2.21
C PHE B 364 -33.47 -21.31 -3.52
N GLY B 365 -32.99 -20.07 -3.48
CA GLY B 365 -32.65 -19.37 -4.71
C GLY B 365 -31.37 -19.88 -5.34
N LYS B 366 -30.41 -20.33 -4.53
CA LYS B 366 -29.18 -20.89 -5.07
C LYS B 366 -29.45 -22.21 -5.78
N GLU B 367 -30.41 -22.99 -5.31
CA GLU B 367 -30.80 -24.21 -6.00
C GLU B 367 -31.56 -23.91 -7.28
N SER B 368 -32.23 -22.76 -7.33
CA SER B 368 -32.99 -22.40 -8.53
C SER B 368 -32.06 -21.99 -9.66
N ILE B 369 -31.03 -21.19 -9.36
CA ILE B 369 -30.05 -20.84 -10.38
C ILE B 369 -29.19 -22.05 -10.72
N LEU B 370 -29.00 -22.96 -9.76
CA LEU B 370 -28.31 -24.21 -10.06
C LEU B 370 -29.11 -25.01 -11.08
N PHE B 371 -30.33 -25.41 -10.72
CA PHE B 371 -31.13 -26.28 -11.58
C PHE B 371 -31.37 -25.68 -12.96
N HIS B 372 -31.46 -24.34 -13.05
CA HIS B 372 -31.71 -23.73 -14.35
C HIS B 372 -30.50 -23.85 -15.28
N TYR B 373 -29.30 -23.98 -14.71
CA TYR B 373 -28.08 -24.03 -15.49
C TYR B 373 -27.44 -25.41 -15.53
N THR B 374 -28.23 -26.48 -15.29
CA THR B 374 -27.72 -27.85 -15.38
C THR B 374 -28.50 -28.68 -16.38
N ASP B 375 -29.23 -28.07 -17.31
CA ASP B 375 -29.86 -28.82 -18.38
C ASP B 375 -28.85 -28.98 -19.50
N TRP B 376 -27.89 -29.88 -19.27
CA TRP B 376 -26.76 -30.02 -20.17
C TRP B 376 -27.19 -30.57 -21.52
N VAL B 377 -26.43 -30.19 -22.56
CA VAL B 377 -26.62 -30.80 -23.87
C VAL B 377 -26.05 -32.21 -23.90
N ASP B 378 -25.05 -32.49 -23.05
CA ASP B 378 -24.42 -33.80 -22.97
C ASP B 378 -23.95 -34.02 -21.55
N ASP B 379 -24.51 -35.05 -20.89
CA ASP B 379 -24.24 -35.29 -19.48
C ASP B 379 -22.83 -35.82 -19.23
N GLN B 380 -22.15 -36.34 -20.25
CA GLN B 380 -20.81 -36.88 -20.05
C GLN B 380 -19.78 -35.80 -19.82
N ARG B 381 -20.02 -34.61 -20.38
CA ARG B 381 -19.07 -33.50 -20.43
C ARG B 381 -18.59 -33.10 -19.04
N PRO B 382 -17.33 -33.39 -18.68
CA PRO B 382 -16.86 -33.00 -17.35
C PRO B 382 -16.64 -31.50 -17.22
N GLU B 383 -16.39 -30.81 -18.34
CA GLU B 383 -16.18 -29.37 -18.34
C GLU B 383 -17.43 -28.59 -17.99
N ASN B 384 -18.60 -29.24 -17.94
CA ASN B 384 -19.86 -28.53 -17.98
C ASN B 384 -20.12 -27.72 -16.72
N TYR B 385 -19.72 -28.22 -15.55
CA TYR B 385 -19.92 -27.45 -14.32
C TYR B 385 -19.02 -26.23 -14.30
N ARG B 386 -17.86 -26.28 -14.96
CA ARG B 386 -16.99 -25.11 -15.04
C ARG B 386 -17.61 -24.04 -15.93
N GLU B 387 -18.18 -24.44 -17.06
CA GLU B 387 -18.77 -23.46 -17.98
C GLU B 387 -20.06 -22.87 -17.42
N ALA B 388 -20.73 -23.61 -16.53
CA ALA B 388 -21.99 -23.12 -15.98
C ALA B 388 -21.77 -21.90 -15.09
N LEU B 389 -20.85 -22.00 -14.13
CA LEU B 389 -20.58 -20.87 -13.24
C LEU B 389 -20.09 -19.66 -14.02
N GLY B 390 -19.32 -19.89 -15.08
CA GLY B 390 -18.85 -18.80 -15.91
C GLY B 390 -19.95 -18.03 -16.60
N ASP B 391 -21.10 -18.66 -16.84
CA ASP B 391 -22.19 -17.96 -17.50
C ASP B 391 -23.26 -17.46 -16.54
N VAL B 392 -23.45 -18.11 -15.39
CA VAL B 392 -24.39 -17.54 -14.41
C VAL B 392 -23.91 -16.18 -13.94
N VAL B 393 -22.59 -15.96 -13.88
CA VAL B 393 -22.06 -14.65 -13.52
C VAL B 393 -21.82 -13.77 -14.73
N GLY B 394 -21.85 -14.33 -15.93
CA GLY B 394 -21.73 -13.53 -17.15
C GLY B 394 -23.06 -12.97 -17.60
N ASP B 395 -24.12 -13.77 -17.47
CA ASP B 395 -25.45 -13.32 -17.84
C ASP B 395 -26.01 -12.36 -16.79
N TYR B 396 -26.03 -12.78 -15.54
CA TYR B 396 -26.64 -11.97 -14.49
C TYR B 396 -25.98 -10.61 -14.36
N ASN B 397 -24.71 -10.49 -14.75
CA ASN B 397 -23.97 -9.25 -14.58
C ASN B 397 -23.81 -8.45 -15.87
N PHE B 398 -23.60 -9.11 -17.01
CA PHE B 398 -23.32 -8.39 -18.25
C PHE B 398 -24.30 -8.70 -19.37
N ILE B 399 -24.54 -9.98 -19.67
CA ILE B 399 -25.29 -10.34 -20.87
C ILE B 399 -26.75 -9.94 -20.73
N CYS B 400 -27.42 -10.43 -19.70
CA CYS B 400 -28.84 -10.14 -19.52
C CYS B 400 -29.12 -8.66 -19.28
N PRO B 401 -28.34 -7.92 -18.47
CA PRO B 401 -28.61 -6.47 -18.35
C PRO B 401 -28.44 -5.71 -19.65
N ALA B 402 -27.44 -6.06 -20.47
CA ALA B 402 -27.24 -5.37 -21.73
C ALA B 402 -28.39 -5.64 -22.70
N LEU B 403 -28.81 -6.90 -22.80
CA LEU B 403 -29.95 -7.24 -23.65
C LEU B 403 -31.21 -6.55 -23.15
N GLU B 404 -31.40 -6.49 -21.83
CA GLU B 404 -32.57 -5.84 -21.27
C GLU B 404 -32.50 -4.32 -21.44
N PHE B 405 -31.29 -3.76 -21.55
CA PHE B 405 -31.15 -2.32 -21.71
C PHE B 405 -31.66 -1.87 -23.07
N THR B 406 -31.15 -2.47 -24.15
CA THR B 406 -31.55 -2.08 -25.49
C THR B 406 -33.03 -2.38 -25.74
N LYS B 407 -33.55 -3.45 -25.15
CA LYS B 407 -34.96 -3.77 -25.31
C LYS B 407 -35.84 -2.62 -24.82
N LYS B 408 -35.53 -2.08 -23.63
CA LYS B 408 -36.29 -0.97 -23.10
C LYS B 408 -35.90 0.35 -23.76
N PHE B 409 -34.65 0.49 -24.19
CA PHE B 409 -34.22 1.72 -24.85
C PHE B 409 -34.85 1.84 -26.23
N SER B 410 -34.83 0.76 -27.02
CA SER B 410 -35.37 0.79 -28.37
C SER B 410 -36.88 0.97 -28.38
N GLU B 411 -37.56 0.67 -27.27
CA GLU B 411 -39.02 0.76 -27.23
C GLU B 411 -39.52 2.21 -27.30
N TRP B 412 -38.63 3.19 -27.14
CA TRP B 412 -39.01 4.59 -27.25
C TRP B 412 -38.72 5.17 -28.63
N GLY B 413 -38.66 4.32 -29.65
CA GLY B 413 -38.47 4.80 -31.01
C GLY B 413 -37.04 5.13 -31.40
N ASN B 414 -36.06 4.44 -30.81
CA ASN B 414 -34.66 4.68 -31.10
C ASN B 414 -34.02 3.47 -31.75
N ASN B 415 -32.88 3.71 -32.39
CA ASN B 415 -32.19 2.70 -33.19
C ASN B 415 -31.10 2.06 -32.34
N ALA B 416 -31.35 0.82 -31.92
CA ALA B 416 -30.41 0.05 -31.13
C ALA B 416 -29.80 -1.06 -31.99
N PHE B 417 -28.48 -1.23 -31.88
CA PHE B 417 -27.76 -2.24 -32.64
C PHE B 417 -26.97 -3.09 -31.67
N PHE B 418 -27.28 -4.39 -31.62
CA PHE B 418 -26.69 -5.31 -30.66
C PHE B 418 -25.74 -6.27 -31.37
N TYR B 419 -24.56 -6.48 -30.78
CA TYR B 419 -23.58 -7.41 -31.32
C TYR B 419 -23.25 -8.50 -30.32
N TYR B 420 -22.44 -9.46 -30.78
CA TYR B 420 -22.05 -10.62 -29.97
C TYR B 420 -20.64 -11.03 -30.40
N PHE B 421 -19.65 -10.51 -29.70
CA PHE B 421 -18.24 -10.76 -30.02
C PHE B 421 -17.88 -12.19 -29.63
N GLU B 422 -17.62 -13.04 -30.63
CA GLU B 422 -17.41 -14.46 -30.40
C GLU B 422 -15.96 -14.90 -30.49
N HIS B 423 -15.07 -14.10 -31.06
CA HIS B 423 -13.72 -14.57 -31.35
C HIS B 423 -12.79 -14.36 -30.17
N ARG B 424 -12.04 -15.40 -29.82
CA ARG B 424 -11.00 -15.32 -28.82
C ARG B 424 -9.68 -14.94 -29.47
N SER B 425 -9.04 -13.89 -28.95
CA SER B 425 -7.79 -13.42 -29.51
C SER B 425 -6.70 -14.47 -29.36
N SER B 426 -5.88 -14.62 -30.41
CA SER B 426 -4.78 -15.58 -30.37
C SER B 426 -3.70 -15.19 -29.37
N LYS B 427 -3.61 -13.90 -29.03
CA LYS B 427 -2.62 -13.42 -28.07
C LYS B 427 -3.18 -13.37 -26.65
N LEU B 428 -4.32 -14.00 -26.39
CA LEU B 428 -4.94 -14.00 -25.07
C LEU B 428 -4.01 -14.66 -24.06
N PRO B 429 -3.43 -13.88 -23.13
CA PRO B 429 -2.45 -14.45 -22.20
C PRO B 429 -3.05 -15.39 -21.17
N TRP B 430 -4.38 -15.44 -21.04
CA TRP B 430 -5.05 -16.33 -20.12
C TRP B 430 -5.38 -17.65 -20.80
N PRO B 431 -5.56 -18.72 -20.04
CA PRO B 431 -5.76 -20.05 -20.65
C PRO B 431 -7.03 -20.13 -21.48
N GLU B 432 -7.18 -21.26 -22.16
CA GLU B 432 -8.23 -21.44 -23.14
C GLU B 432 -9.60 -21.74 -22.53
N TRP B 433 -9.64 -22.24 -21.29
CA TRP B 433 -10.92 -22.61 -20.70
C TRP B 433 -11.80 -21.40 -20.41
N MET B 434 -11.27 -20.19 -20.47
CA MET B 434 -12.04 -18.98 -20.21
C MET B 434 -12.63 -18.35 -21.47
N GLY B 435 -12.17 -18.76 -22.65
CA GLY B 435 -12.76 -18.33 -23.90
C GLY B 435 -12.60 -16.84 -24.15
N VAL B 436 -13.60 -16.25 -24.80
CA VAL B 436 -13.57 -14.83 -25.13
C VAL B 436 -13.80 -14.05 -23.84
N MET B 437 -12.72 -13.53 -23.27
CA MET B 437 -12.84 -13.01 -21.92
C MET B 437 -13.36 -11.58 -21.92
N HIS B 438 -13.79 -11.15 -20.74
CA HIS B 438 -14.37 -9.83 -20.55
C HIS B 438 -13.30 -8.76 -20.69
N GLY B 439 -13.45 -7.89 -21.68
CA GLY B 439 -12.53 -6.80 -21.89
C GLY B 439 -11.52 -6.97 -23.01
N TYR B 440 -11.67 -8.00 -23.83
CA TYR B 440 -10.74 -8.25 -24.94
C TYR B 440 -11.36 -7.94 -26.29
N GLU B 441 -12.53 -7.33 -26.30
CA GLU B 441 -13.04 -6.68 -27.51
C GLU B 441 -12.30 -5.38 -27.79
N ILE B 442 -11.64 -4.81 -26.79
CA ILE B 442 -11.05 -3.48 -26.92
C ILE B 442 -9.86 -3.50 -27.88
N GLU B 443 -9.10 -4.60 -27.92
CA GLU B 443 -7.96 -4.67 -28.82
C GLU B 443 -8.41 -4.58 -30.27
N PHE B 444 -9.58 -5.13 -30.60
CA PHE B 444 -10.11 -5.08 -31.95
C PHE B 444 -10.89 -3.80 -32.22
N VAL B 445 -11.41 -3.14 -31.18
CA VAL B 445 -12.13 -1.89 -31.39
C VAL B 445 -11.16 -0.77 -31.76
N PHE B 446 -10.02 -0.69 -31.08
CA PHE B 446 -9.02 0.34 -31.35
C PHE B 446 -8.10 -0.03 -32.51
N GLY B 447 -8.26 -1.21 -33.09
CA GLY B 447 -7.50 -1.56 -34.28
C GLY B 447 -6.07 -1.99 -34.04
N LEU B 448 -5.78 -2.56 -32.88
CA LEU B 448 -4.41 -2.99 -32.61
C LEU B 448 -3.92 -4.12 -33.53
N PRO B 449 -4.72 -5.13 -33.90
CA PRO B 449 -4.21 -6.17 -34.79
C PRO B 449 -3.90 -5.70 -36.21
N LEU B 450 -4.17 -4.44 -36.55
CA LEU B 450 -3.90 -3.99 -37.91
C LEU B 450 -2.41 -3.75 -38.15
N GLU B 451 -1.67 -3.34 -37.13
CA GLU B 451 -0.22 -3.25 -37.23
C GLU B 451 0.35 -4.67 -37.26
N ARG B 452 0.81 -5.11 -38.43
CA ARG B 452 1.25 -6.48 -38.63
C ARG B 452 2.58 -6.79 -37.96
N ARG B 453 3.22 -5.82 -37.31
CA ARG B 453 4.39 -6.15 -36.51
C ARG B 453 4.04 -6.94 -35.26
N ASP B 454 2.75 -7.15 -35.00
CA ASP B 454 2.30 -7.96 -33.87
C ASP B 454 1.81 -9.32 -34.36
N ASN B 455 1.86 -10.29 -33.46
CA ASN B 455 1.51 -11.68 -33.78
C ASN B 455 -0.02 -11.86 -33.77
N TYR B 456 -0.67 -11.15 -34.67
CA TYR B 456 -2.10 -11.30 -34.90
C TYR B 456 -2.31 -11.97 -36.25
N THR B 457 -3.14 -13.02 -36.26
CA THR B 457 -3.45 -13.71 -37.50
C THR B 457 -4.09 -12.74 -38.50
N LYS B 458 -3.99 -13.10 -39.78
CA LYS B 458 -4.71 -12.34 -40.80
C LYS B 458 -6.20 -12.32 -40.50
N ALA B 459 -6.73 -13.44 -39.99
CA ALA B 459 -8.13 -13.50 -39.61
C ALA B 459 -8.47 -12.59 -38.43
N GLU B 460 -7.46 -12.11 -37.70
CA GLU B 460 -7.70 -11.15 -36.64
C GLU B 460 -7.60 -9.71 -37.11
N GLU B 461 -6.90 -9.46 -38.22
CA GLU B 461 -6.84 -8.11 -38.77
C GLU B 461 -8.14 -7.75 -39.47
N ILE B 462 -8.57 -8.57 -40.43
CA ILE B 462 -9.79 -8.27 -41.17
C ILE B 462 -11.00 -8.23 -40.24
N LEU B 463 -10.92 -8.90 -39.09
CA LEU B 463 -11.94 -8.73 -38.06
C LEU B 463 -11.79 -7.37 -37.39
N SER B 464 -10.59 -7.06 -36.89
CA SER B 464 -10.34 -5.76 -36.28
C SER B 464 -10.57 -4.63 -37.28
N ARG B 465 -10.11 -4.82 -38.53
CA ARG B 465 -10.32 -3.80 -39.55
C ARG B 465 -11.81 -3.60 -39.83
N SER B 466 -12.58 -4.69 -39.78
CA SER B 466 -14.03 -4.57 -39.93
C SER B 466 -14.63 -3.81 -38.76
N ILE B 467 -14.41 -4.30 -37.54
CA ILE B 467 -14.97 -3.69 -36.33
C ILE B 467 -14.63 -2.21 -36.24
N VAL B 468 -13.49 -1.81 -36.80
CA VAL B 468 -13.09 -0.40 -36.75
C VAL B 468 -13.99 0.44 -37.65
N LYS B 469 -14.22 -0.03 -38.89
CA LYS B 469 -15.04 0.73 -39.83
C LYS B 469 -16.47 0.87 -39.32
N ARG B 470 -17.07 -0.23 -38.86
CA ARG B 470 -18.46 -0.19 -38.41
C ARG B 470 -18.61 0.70 -37.17
N TRP B 471 -17.64 0.63 -36.25
CA TRP B 471 -17.67 1.53 -35.10
C TRP B 471 -17.59 2.98 -35.54
N ALA B 472 -16.69 3.29 -36.47
CA ALA B 472 -16.55 4.67 -36.93
C ALA B 472 -17.74 5.10 -37.77
N ASN B 473 -18.24 4.21 -38.63
CA ASN B 473 -19.38 4.57 -39.46
C ASN B 473 -20.63 4.79 -38.60
N PHE B 474 -20.78 4.02 -37.53
CA PHE B 474 -21.87 4.27 -36.59
C PHE B 474 -21.74 5.66 -35.97
N ALA B 475 -20.51 6.06 -35.65
CA ALA B 475 -20.28 7.40 -35.12
C ALA B 475 -20.65 8.47 -36.13
N LYS B 476 -20.36 8.24 -37.40
CA LYS B 476 -20.53 9.25 -38.44
C LYS B 476 -21.96 9.27 -38.98
N TYR B 477 -22.46 8.12 -39.43
CA TYR B 477 -23.71 8.07 -40.18
C TYR B 477 -24.90 7.61 -39.35
N GLY B 478 -24.68 7.22 -38.09
CA GLY B 478 -25.76 6.81 -37.22
C GLY B 478 -26.03 5.33 -37.15
N ASN B 479 -25.50 4.56 -38.10
CA ASN B 479 -25.67 3.12 -38.11
C ASN B 479 -24.35 2.48 -38.49
N PRO B 480 -24.13 1.26 -38.09
CA PRO B 480 -22.88 0.61 -38.49
C PRO B 480 -22.87 0.03 -39.91
N ASN B 481 -22.79 0.85 -40.97
CA ASN B 481 -22.53 0.25 -42.26
C ASN B 481 -21.04 0.03 -42.49
N GLU B 482 -20.75 -0.89 -43.40
CA GLU B 482 -19.43 -1.11 -43.97
C GLU B 482 -19.58 -1.10 -45.49
N THR B 483 -18.92 -0.14 -46.16
CA THR B 483 -19.10 0.05 -47.59
C THR B 483 -18.48 -1.07 -48.41
N GLN B 484 -19.27 -2.12 -48.65
CA GLN B 484 -18.90 -3.26 -49.48
C GLN B 484 -20.16 -4.05 -49.76
N ASN B 485 -20.17 -4.74 -50.91
CA ASN B 485 -21.34 -5.53 -51.29
C ASN B 485 -21.51 -6.74 -50.37
N ASN B 486 -20.41 -7.44 -50.08
CA ASN B 486 -20.45 -8.71 -49.36
C ASN B 486 -20.10 -8.47 -47.89
N SER B 487 -21.07 -7.91 -47.16
CA SER B 487 -20.97 -7.77 -45.71
C SER B 487 -22.38 -7.58 -45.16
N THR B 488 -22.74 -8.39 -44.16
CA THR B 488 -24.11 -8.41 -43.68
C THR B 488 -24.53 -7.05 -43.14
N SER B 489 -25.68 -6.56 -43.62
CA SER B 489 -26.20 -5.27 -43.19
C SER B 489 -26.86 -5.42 -41.83
N TRP B 490 -26.24 -4.85 -40.81
CA TRP B 490 -26.66 -4.92 -39.41
C TRP B 490 -28.03 -4.30 -39.20
N PRO B 491 -29.05 -5.11 -38.90
CA PRO B 491 -30.39 -4.56 -38.66
C PRO B 491 -30.54 -4.04 -37.25
N VAL B 492 -31.61 -3.27 -37.05
CA VAL B 492 -31.85 -2.65 -35.75
C VAL B 492 -32.43 -3.66 -34.78
N PHE B 493 -32.24 -3.40 -33.49
CA PHE B 493 -32.72 -4.26 -32.42
C PHE B 493 -34.05 -3.73 -31.91
N LYS B 494 -35.10 -4.55 -31.99
CA LYS B 494 -36.42 -4.17 -31.53
C LYS B 494 -36.95 -5.24 -30.58
N SER B 495 -38.04 -4.90 -29.88
CA SER B 495 -38.53 -5.75 -28.80
C SER B 495 -39.07 -7.09 -29.28
N THR B 496 -39.61 -7.14 -30.50
CA THR B 496 -40.33 -8.33 -30.94
C THR B 496 -39.39 -9.39 -31.51
N GLU B 497 -38.64 -9.06 -32.55
CA GLU B 497 -37.83 -10.04 -33.26
C GLU B 497 -36.41 -10.15 -32.71
N GLN B 498 -35.84 -9.06 -32.20
CA GLN B 498 -34.61 -9.08 -31.41
C GLN B 498 -33.45 -9.69 -32.20
N LYS B 499 -33.03 -8.97 -33.23
CA LYS B 499 -31.92 -9.39 -34.08
C LYS B 499 -30.60 -8.80 -33.59
N TYR B 500 -29.54 -9.58 -33.73
CA TYR B 500 -28.20 -9.13 -33.36
C TYR B 500 -27.19 -9.79 -34.27
N LEU B 501 -25.98 -9.22 -34.30
CA LEU B 501 -24.92 -9.65 -35.20
C LEU B 501 -23.75 -10.17 -34.38
N THR B 502 -23.36 -11.42 -34.62
CA THR B 502 -22.18 -11.98 -33.98
C THR B 502 -20.93 -11.59 -34.76
N LEU B 503 -19.82 -11.47 -34.05
CA LEU B 503 -18.56 -11.03 -34.63
C LEU B 503 -17.50 -12.09 -34.37
N ASN B 504 -17.06 -12.76 -35.45
CA ASN B 504 -16.01 -13.76 -35.36
C ASN B 504 -15.12 -13.66 -36.59
N THR B 505 -14.12 -14.54 -36.67
CA THR B 505 -13.11 -14.46 -37.72
C THR B 505 -13.59 -15.12 -39.01
N GLU B 506 -14.26 -16.26 -38.92
CA GLU B 506 -14.65 -16.99 -40.13
C GLU B 506 -15.61 -16.16 -40.97
N SER B 507 -16.72 -15.72 -40.38
CA SER B 507 -17.71 -14.84 -40.99
C SER B 507 -18.71 -14.45 -39.91
N THR B 508 -19.31 -13.27 -40.07
CA THR B 508 -20.27 -12.75 -39.11
C THR B 508 -21.68 -13.05 -39.58
N ARG B 509 -22.41 -13.85 -38.81
CA ARG B 509 -23.81 -14.15 -39.07
C ARG B 509 -24.68 -13.45 -38.02
N ILE B 510 -25.95 -13.30 -38.36
CA ILE B 510 -26.92 -12.68 -37.45
C ILE B 510 -27.84 -13.75 -36.90
N MET B 511 -28.25 -13.56 -35.64
CA MET B 511 -29.09 -14.51 -34.93
C MET B 511 -30.26 -13.77 -34.29
N THR B 512 -31.10 -14.51 -33.58
CA THR B 512 -32.33 -14.00 -33.01
C THR B 512 -32.36 -14.25 -31.51
N LYS B 513 -32.67 -13.21 -30.73
CA LYS B 513 -33.04 -13.33 -29.32
C LYS B 513 -31.95 -14.05 -28.51
N LEU B 514 -30.83 -13.35 -28.38
CA LEU B 514 -29.65 -13.89 -27.70
C LEU B 514 -29.97 -14.38 -26.29
N ARG B 515 -29.63 -15.65 -26.02
CA ARG B 515 -29.82 -16.29 -24.72
C ARG B 515 -31.17 -15.95 -24.10
N ALA B 516 -32.22 -16.12 -24.90
CA ALA B 516 -33.57 -15.80 -24.42
C ALA B 516 -33.97 -16.71 -23.26
N GLN B 517 -33.61 -17.98 -23.32
CA GLN B 517 -34.01 -18.93 -22.27
C GLN B 517 -33.33 -18.60 -20.95
N GLN B 518 -32.01 -18.36 -20.98
CA GLN B 518 -31.28 -18.12 -19.74
C GLN B 518 -31.71 -16.81 -19.08
N CYS B 519 -31.78 -15.73 -19.86
CA CYS B 519 -32.16 -14.45 -19.29
C CYS B 519 -33.61 -14.44 -18.83
N ARG B 520 -34.48 -15.24 -19.46
CA ARG B 520 -35.85 -15.35 -18.99
C ARG B 520 -35.89 -15.75 -17.52
N PHE B 521 -34.87 -16.47 -17.05
CA PHE B 521 -34.78 -16.80 -15.64
C PHE B 521 -34.36 -15.59 -14.81
N TRP B 522 -33.42 -14.80 -15.32
CA TRP B 522 -32.96 -13.62 -14.61
C TRP B 522 -33.95 -12.45 -14.70
N THR B 523 -34.80 -12.44 -15.73
CA THR B 523 -35.79 -11.37 -15.89
C THR B 523 -37.06 -11.63 -15.10
N SER B 524 -37.55 -12.87 -15.08
CA SER B 524 -38.87 -13.18 -14.58
C SER B 524 -38.88 -14.06 -13.33
N PHE B 525 -37.74 -14.56 -12.88
CA PHE B 525 -37.77 -15.44 -11.73
C PHE B 525 -36.80 -15.04 -10.62
N PHE B 526 -35.62 -14.55 -10.96
CA PHE B 526 -34.62 -14.26 -9.92
C PHE B 526 -35.01 -13.08 -9.03
N PRO B 527 -35.63 -12.02 -9.55
CA PRO B 527 -36.09 -10.93 -8.65
C PRO B 527 -37.06 -11.36 -7.58
N LYS B 528 -37.58 -12.59 -7.62
CA LYS B 528 -38.42 -13.07 -6.53
C LYS B 528 -37.60 -13.68 -5.39
N VAL B 529 -36.55 -14.43 -5.72
CA VAL B 529 -35.73 -15.09 -4.71
C VAL B 529 -34.73 -14.10 -4.13
C1 NAG C . 10.70 19.11 -1.54
C2 NAG C . 10.39 20.41 -2.29
C3 NAG C . 9.68 21.44 -1.37
C4 NAG C . 8.61 20.83 -0.49
C5 NAG C . 9.15 19.56 0.16
C6 NAG C . 8.13 18.83 1.01
C7 NAG C . 12.61 21.47 -2.10
C8 NAG C . 13.77 22.05 -2.85
N2 NAG C . 11.60 21.00 -2.84
O3 NAG C . 9.12 22.47 -2.18
O4 NAG C . 8.29 21.78 0.52
O5 NAG C . 9.56 18.66 -0.86
O6 NAG C . 7.80 17.57 0.44
O7 NAG C . 12.59 21.44 -0.86
C1 NAG C . 6.89 22.11 0.69
C2 NAG C . 6.24 22.91 -0.44
C3 NAG C . 4.83 23.33 -0.04
C4 NAG C . 4.02 22.13 0.43
C5 NAG C . 4.76 21.38 1.51
C6 NAG C . 4.07 20.10 1.93
C7 NAG C . 6.90 24.74 -1.95
C8 NAG C . 7.82 25.91 -2.15
N2 NAG C . 7.05 24.06 -0.80
O3 NAG C . 4.18 23.96 -1.15
O4 NAG C . 2.76 22.57 0.94
O5 NAG C . 6.07 21.00 1.03
O6 NAG C . 3.56 20.21 3.26
O7 NAG C . 6.06 24.41 -2.79
C1 NAG D . 4.57 2.76 -4.25
C2 NAG D . 5.24 3.16 -5.56
C3 NAG D . 5.34 4.69 -5.66
C4 NAG D . 3.97 5.33 -5.47
C5 NAG D . 3.33 4.80 -4.18
C6 NAG D . 1.91 5.29 -4.00
C7 NAG D . 7.09 2.22 -6.86
C8 NAG D . 8.46 1.61 -6.82
N2 NAG D . 6.55 2.56 -5.68
O3 NAG D . 5.88 5.05 -6.92
O4 NAG D . 4.09 6.73 -5.28
O5 NAG D . 3.28 3.37 -4.18
O6 NAG D . 1.47 5.10 -2.66
O7 NAG D . 6.50 2.40 -7.92
C1 NAG D . 4.06 7.59 -6.43
C2 NAG D . 3.47 8.89 -5.91
C3 NAG D . 3.52 9.98 -6.98
C4 NAG D . 4.94 10.14 -7.50
C5 NAG D . 5.48 8.79 -7.98
C6 NAG D . 6.93 8.86 -8.38
C7 NAG D . 1.67 9.03 -4.23
C8 NAG D . 2.68 9.64 -3.32
N2 NAG D . 2.10 8.70 -5.46
O3 NAG D . 3.06 11.21 -6.44
O4 NAG D . 4.96 11.07 -8.58
O5 NAG D . 5.39 7.82 -6.92
O6 NAG D . 7.51 7.56 -8.46
O7 NAG D . 0.51 8.84 -3.89
C1 NAG E . -24.01 0.17 7.00
C2 NAG E . -23.73 0.30 8.50
C3 NAG E . -22.71 -0.75 8.95
C4 NAG E . -23.08 -2.15 8.47
C5 NAG E . -23.39 -2.11 6.97
C6 NAG E . -23.92 -3.42 6.42
C7 NAG E . -23.21 2.14 10.06
C8 NAG E . -22.67 3.53 10.20
N2 NAG E . -23.26 1.64 8.82
O3 NAG E . -22.61 -0.74 10.37
O4 NAG E . -21.95 -2.98 8.70
O5 NAG E . -24.41 -1.13 6.70
O6 NAG E . -25.22 -3.26 5.87
O7 NAG E . -23.58 1.49 11.03
C1 NAG E . -22.11 -4.34 9.24
C2 NAG E . -22.11 -4.49 10.77
C3 NAG E . -21.86 -5.95 11.13
C4 NAG E . -22.85 -6.85 10.41
C5 NAG E . -22.86 -6.56 8.91
C6 NAG E . -23.91 -7.34 8.16
C7 NAG E . -21.06 -3.37 12.69
C8 NAG E . -19.96 -2.46 13.15
N2 NAG E . -21.11 -3.63 11.38
O3 NAG E . -21.99 -6.13 12.54
O4 NAG E . -22.49 -8.22 10.61
O5 NAG E . -23.13 -5.17 8.68
O6 NAG E . -23.74 -8.75 8.33
O7 NAG E . -21.88 -3.85 13.48
C1 NAG F . 5.68 -12.66 -31.32
C2 NAG F . 5.92 -11.41 -30.47
C3 NAG F . 7.42 -11.22 -30.24
C4 NAG F . 8.01 -12.46 -29.59
C5 NAG F . 7.70 -13.69 -30.44
C6 NAG F . 8.14 -14.99 -29.82
C7 NAG F . 5.08 -9.11 -30.40
C8 NAG F . 4.52 -7.97 -31.19
N2 NAG F . 5.35 -10.22 -31.09
O3 NAG F . 7.63 -10.07 -29.42
O4 NAG F . 9.43 -12.34 -29.49
O5 NAG F . 6.28 -13.80 -30.66
O6 NAG F . 7.78 -16.11 -30.61
O7 NAG F . 5.27 -9.02 -29.20
C1 NAG F . 9.83 -11.73 -28.24
C2 NAG F . 11.34 -11.94 -28.05
C3 NAG F . 11.83 -11.23 -26.79
C4 NAG F . 11.42 -9.76 -26.82
C5 NAG F . 9.91 -9.65 -27.02
C6 NAG F . 9.44 -8.22 -27.16
C7 NAG F . 12.26 -14.03 -28.97
C8 NAG F . 12.51 -15.48 -28.73
N2 NAG F . 11.65 -13.36 -27.98
O3 NAG F . 13.25 -11.33 -26.71
O4 NAG F . 11.78 -9.12 -25.60
O5 NAG F . 9.54 -10.32 -28.23
O6 NAG F . 8.18 -8.02 -26.52
O7 NAG F . 12.60 -13.47 -30.01
C1 NAG G . 34.41 14.57 -3.84
C2 NAG G . 35.51 15.08 -4.78
C3 NAG G . 34.95 16.12 -5.74
C4 NAG G . 33.73 15.57 -6.47
C5 NAG G . 32.71 15.06 -5.46
C6 NAG G . 31.51 14.41 -6.11
C7 NAG G . 36.57 16.67 -3.21
C8 NAG G . 37.86 17.06 -2.54
N2 NAG G . 36.65 15.63 -4.03
O3 NAG G . 35.96 16.48 -6.68
O4 NAG G . 33.14 16.59 -7.27
O5 NAG G . 33.31 14.07 -4.61
O6 NAG G . 31.86 13.21 -6.78
O7 NAG G . 35.53 17.28 -3.00
C1 NAG H . 13.09 -0.94 46.76
C2 NAG H . 12.15 -2.11 46.55
C3 NAG H . 12.81 -3.42 46.99
C4 NAG H . 13.79 -3.20 48.13
C5 NAG H . 14.84 -2.13 47.81
C6 NAG H . 16.20 -2.71 47.52
C7 NAG H . 9.79 -1.50 46.71
C8 NAG H . 8.59 -1.33 47.61
N2 NAG H . 10.91 -1.90 47.29
O3 NAG H . 13.47 -4.03 45.89
O4 NAG H . 13.10 -2.85 49.31
O5 NAG H . 14.43 -1.39 46.65
O6 NAG H . 16.35 -4.02 48.05
O7 NAG H . 9.72 -1.29 45.50
C1 NAG I . 27.24 -28.60 25.95
C2 NAG I . 26.87 -29.88 26.68
C3 NAG I . 26.74 -29.57 28.17
C4 NAG I . 27.97 -28.83 28.69
C5 NAG I . 28.35 -27.67 27.76
C6 NAG I . 29.67 -27.05 28.14
C7 NAG I . 25.56 -31.67 25.61
C8 NAG I . 26.84 -32.45 25.58
N2 NAG I . 25.63 -30.44 26.14
O3 NAG I . 26.48 -30.75 28.91
O4 NAG I . 27.70 -28.29 29.98
O5 NAG I . 28.47 -28.14 26.41
O6 NAG I . 29.80 -26.94 29.55
O7 NAG I . 24.51 -32.12 25.17
C16 PRM J . 19.80 -6.50 29.03
C17 PRM J . 19.88 -6.69 27.58
C18 PRM J . 21.10 -7.12 27.00
C19 PRM J . 22.24 -7.37 27.90
C20 PRM J . 22.13 -7.18 29.32
C21 PRM J . 20.91 -6.75 29.88
C22 PRM J . 21.01 -7.26 25.53
N23 PRM J . 19.95 -7.02 24.73
C24 PRM J . 18.73 -6.58 25.32
C25 PRM J . 18.69 -6.41 26.73
C26 PRM J . 17.57 -6.31 24.52
C27 PRM J . 16.38 -5.88 25.12
C28 PRM J . 16.32 -5.72 26.52
C29 PRM J . 17.46 -5.98 27.32
C30 PRM J . 22.36 -7.70 25.14
C31 PRM J . 22.68 -9.07 25.05
C32 PRM J . 23.99 -9.47 24.67
C33 PRM J . 24.96 -8.51 24.40
C34 PRM J . 24.64 -7.16 24.49
C35 PRM J . 23.36 -6.75 24.86
N36 PRM J . 23.25 -7.43 30.17
N37 PRM J . 15.23 -5.62 24.33
C41 PRM J . 20.11 -7.22 23.23
C42 PRM J . 20.53 -6.01 22.39
C43 PRM J . 20.67 -6.22 20.89
N44 PRM J . 21.99 -5.97 20.19
C44 PRM J . 22.91 -7.03 20.72
C45 PRM J . 22.52 -8.57 20.70
C46 PRM J . 22.49 -4.67 20.56
C47 PRM J . 21.79 -6.16 18.72
C48 PRM J . 21.25 -5.10 17.85
C1 NAG K . 5.53 15.87 -37.75
C2 NAG K . 4.67 15.71 -39.02
C3 NAG K . 4.81 16.95 -39.90
C4 NAG K . 4.66 18.23 -39.07
C5 NAG K . 5.47 18.15 -37.77
C6 NAG K . 5.30 19.32 -36.82
C7 NAG K . 5.87 14.06 -40.49
C8 NAG K . 7.15 14.86 -40.40
N2 NAG K . 4.80 14.49 -39.80
O3 NAG K . 3.93 16.88 -41.03
O4 NAG K . 5.05 19.39 -39.80
O5 NAG K . 5.10 16.97 -37.06
O6 NAG K . 6.46 19.54 -36.01
O7 NAG K . 5.81 13.04 -41.13
C1 NAG L . 7.71 20.66 -23.68
C2 NAG L . 9.09 21.26 -23.45
C3 NAG L . 10.06 20.84 -24.55
C4 NAG L . 9.41 20.89 -25.93
C5 NAG L . 8.06 20.17 -25.92
C6 NAG L . 7.98 19.03 -26.91
C7 NAG L . 9.37 23.39 -22.25
C8 NAG L . 9.22 24.87 -22.34
N2 NAG L . 9.03 22.70 -23.35
O3 NAG L . 10.56 19.53 -24.31
O4 NAG L . 9.20 22.23 -26.33
O5 NAG L . 7.81 19.63 -24.62
O6 NAG L . 8.80 19.32 -28.05
O7 NAG L . 9.80 22.84 -21.24
C1 NAG M . -20.03 20.43 12.95
C2 NAG M . -20.33 21.93 12.85
C3 NAG M . -19.14 22.75 13.31
C4 NAG M . -18.74 22.34 14.72
C5 NAG M . -18.34 20.88 14.69
C6 NAG M . -17.92 20.37 16.05
C7 NAG M . -21.97 22.38 11.07
C8 NAG M . -22.15 22.76 9.64
N2 NAG M . -20.69 22.29 11.49
O3 NAG M . -19.49 24.14 13.25
O4 NAG M . -17.64 23.15 15.15
O5 NAG M . -19.48 20.11 14.29
O6 NAG M . -17.12 21.31 16.75
O7 NAG M . -22.94 22.14 11.80
C1 NAG N . -7.12 -25.77 -9.99
C2 NAG N . -7.21 -27.04 -9.22
C3 NAG N . -7.74 -26.74 -7.82
C4 NAG N . -6.78 -25.78 -7.14
C5 NAG N . -6.55 -24.53 -8.02
C6 NAG N . -5.48 -23.63 -7.45
C7 NAG N . -7.66 -29.30 -10.06
C8 NAG N . -8.64 -30.18 -10.77
N2 NAG N . -8.04 -28.02 -9.90
O3 NAG N . -7.87 -27.96 -7.10
O4 NAG N . -7.29 -25.41 -5.87
O5 NAG N . -6.14 -24.88 -9.36
O6 NAG N . -5.44 -23.76 -6.04
O7 NAG N . -6.58 -29.72 -9.64
C1 NAG O . -23.98 3.57 -44.44
C2 NAG O . -23.95 3.33 -45.95
C3 NAG O . -23.38 4.50 -46.71
C4 NAG O . -24.20 5.76 -46.43
C5 NAG O . -24.18 6.04 -44.93
C6 NAG O . -25.14 7.17 -44.55
C7 NAG O . -23.70 1.09 -46.74
C8 NAG O . -22.83 -0.11 -46.90
N2 NAG O . -23.14 2.16 -46.19
O3 NAG O . -23.38 4.00 -48.05
O4 NAG O . -23.60 6.86 -47.10
O5 NAG O . -24.57 4.88 -44.15
O6 NAG O . -26.53 6.84 -44.43
O7 NAG O . -24.87 1.09 -47.08
CL CL P . -23.33 -2.53 -5.95
CL CL Q . -4.80 -5.28 -46.32
CL CL R . -29.87 13.70 -2.36
CL CL S . -23.45 10.80 11.05
N GLY T . 3.97 7.53 -27.36
CA GLY T . 2.53 7.75 -27.36
C GLY T . 1.79 6.88 -28.34
O GLY T . 0.55 6.86 -28.37
OXT GLY T . 2.39 6.15 -29.13
C16 PRM U . -14.83 -5.09 -8.46
C17 PRM U . -14.46 -5.35 -9.86
C18 PRM U . -13.14 -5.83 -10.15
C19 PRM U . -12.23 -6.04 -9.03
C20 PRM U . -12.63 -5.79 -7.67
C21 PRM U . -13.93 -5.31 -7.40
C22 PRM U . -12.93 -6.03 -11.60
N23 PRM U . -13.80 -5.82 -12.62
C24 PRM U . -15.11 -5.34 -12.30
C25 PRM U . -15.44 -5.11 -10.95
C26 PRM U . -16.07 -5.09 -13.34
C27 PRM U . -17.35 -4.63 -13.03
C28 PRM U . -17.69 -4.38 -11.68
C29 PRM U . -16.75 -4.62 -10.66
C30 PRM U . -11.54 -6.52 -11.67
C31 PRM U . -11.26 -7.90 -11.59
C32 PRM U . -9.92 -8.35 -11.67
C33 PRM U . -8.88 -7.44 -11.83
C34 PRM U . -9.17 -6.07 -11.91
C35 PRM U . -10.49 -5.61 -11.84
N36 PRM U . -11.71 -6.02 -6.60
N37 PRM U . -18.30 -4.38 -14.06
C41 PRM U . -13.34 -6.11 -14.03
C42 PRM U . -12.75 -4.96 -14.84
C43 PRM U . -12.48 -5.25 -16.31
N44 PRM U . -11.24 -4.73 -17.02
C44 PRM U . -11.54 -4.90 -18.48
C45 PRM U . -11.05 -3.86 -19.56
C46 PRM U . -11.05 -3.33 -16.72
C47 PRM U . -10.09 -5.60 -16.63
C48 PRM U . -9.19 -5.27 -15.51
#